data_5YJX
#
_entry.id   5YJX
#
_cell.length_a   70.336
_cell.length_b   116.401
_cell.length_c   166.619
_cell.angle_alpha   90.00
_cell.angle_beta   90.00
_cell.angle_gamma   90.00
#
_symmetry.space_group_name_H-M   'P 21 21 21'
#
loop_
_entity.id
_entity.type
_entity.pdbx_description
1 polymer 'Rotenone-insensitive NADH-ubiquinone oxidoreductase, mitochondrial'
2 non-polymer 'FLAVIN-ADENINE DINUCLEOTIDE'
3 non-polymer 'MAGNESIUM ION'
4 non-polymer '2-(N-MORPHOLINO)-ETHANESULFONIC ACID'
5 non-polymer "(2Z,6E)-7-{2'-[(2E,4E)-1,6-DIMETHYLHEPTA-2,4-DIENYL]-2,4'-BI-1,3-THIAZOL-4-YL}-3,5-DIMETHOXY-4-METHYLHEPTA-2,6-DIENAMID E"
#
_entity_poly.entity_id   1
_entity_poly.type   'polypeptide(L)'
_entity_poly.pdbx_seq_one_letter_code
;TGVENSGAGPTSFKTMKVIDPQHSDKPNVLILGSGWGAISFLKHIDTKKYNVSIISPRSYFLFTPLLPSAPVGTVDEKSI
IEPIVNFALKKKGNVTYYEAEATSINPDRNTVTIKSLSAVSQLYQPENHLGLHQAEPAEIKYDYLISAVGAEPNTFGIPG
VTDYGHFLKEIPNSLEIRRTFAANLEKANLLPKGDPERRRLLSIVVVGGGPTGVEAAGELQDYVHQDLRKFLPALAEEVQ
IHLVEALPIVLNMFEKKLSSYAQSHLENTSIKVHLRTAVAKVEEKQLLAKTKHEDGKITEETIPYGTLIWATGNKARPVI
TDLFKKIPEQNSSKRGLAVNDFLQVKGSNNIFAIGDNAFAGLPPTAQVAHQEAEYLAKNFDKMAQIPNFQKNLSSRKDKI
DLLFEENNFKPFKYNDLGALAYLGSERAIATIRSGKRTFYTGGGLMTFYLWRILYLSMILSARSRLKVFFDWIKLAFFKR
DFFKGL
;
_entity_poly.pdbx_strand_id   A,B
#
loop_
_chem_comp.id
_chem_comp.type
_chem_comp.name
_chem_comp.formula
FAD non-polymer 'FLAVIN-ADENINE DINUCLEOTIDE' 'C27 H33 N9 O15 P2'
MES non-polymer '2-(N-MORPHOLINO)-ETHANESULFONIC ACID' 'C6 H13 N O4 S'
MG non-polymer 'MAGNESIUM ION' 'Mg 2'
MYX non-polymer '(2Z,6E)-7-{2'-[(2E,4E)-1,6-DIMETHYLHEPTA-2,4-DIENYL]-2,4'-BI-1,3-THIAZOL-4-YL}-3,5-DIMETHOXY-4-METHYLHEPTA-2,6-DIENAMID E' 'C25 H33 N3 O3 S2'
#
# COMPACT_ATOMS: atom_id res chain seq x y z
N THR A 1 -2.57 34.34 5.48
CA THR A 1 -3.80 33.75 4.88
C THR A 1 -4.74 33.13 5.93
N GLY A 2 -6.05 33.11 5.65
CA GLY A 2 -6.65 33.65 4.43
C GLY A 2 -6.94 32.57 3.41
N VAL A 3 -6.82 32.92 2.12
CA VAL A 3 -7.29 32.08 1.01
C VAL A 3 -6.49 32.29 -0.30
N GLU A 4 -5.16 32.08 -0.29
CA GLU A 4 -4.36 32.24 -1.55
C GLU A 4 -4.33 30.97 -2.45
N ASN A 5 -5.50 30.45 -2.81
CA ASN A 5 -5.58 29.36 -3.76
C ASN A 5 -6.05 29.90 -5.11
N SER A 6 -5.38 29.49 -6.17
CA SER A 6 -5.71 29.92 -7.55
C SER A 6 -5.08 28.94 -8.57
N GLY A 7 -3.78 28.66 -8.39
CA GLY A 7 -3.09 27.61 -9.11
C GLY A 7 -2.84 26.33 -8.30
N ALA A 8 -2.40 26.48 -7.03
CA ALA A 8 -1.84 25.37 -6.23
C ALA A 8 -2.83 24.35 -5.71
N GLY A 9 -2.48 23.07 -5.89
CA GLY A 9 -3.32 21.94 -5.52
C GLY A 9 -3.48 21.62 -4.03
N PRO A 10 -4.41 20.69 -3.75
CA PRO A 10 -5.04 20.50 -2.45
C PRO A 10 -4.12 20.71 -1.25
N THR A 11 -3.11 19.85 -1.06
CA THR A 11 -2.31 19.86 0.19
C THR A 11 -1.45 21.14 0.31
N SER A 12 -2.11 22.27 0.07
CA SER A 12 -1.57 23.58 0.34
C SER A 12 -1.68 23.82 1.84
N PHE A 13 -0.75 23.26 2.59
CA PHE A 13 -0.74 23.44 4.03
C PHE A 13 0.01 24.70 4.34
N LYS A 14 -0.25 25.24 5.54
CA LYS A 14 0.51 26.38 6.07
C LYS A 14 0.56 26.27 7.60
N THR A 15 1.74 26.46 8.18
CA THR A 15 1.91 26.42 9.64
C THR A 15 2.14 27.83 10.20
N MET A 16 1.13 28.37 10.89
CA MET A 16 1.19 29.73 11.46
C MET A 16 2.04 29.74 12.73
N LYS A 17 3.35 29.58 12.57
CA LYS A 17 4.27 29.50 13.71
C LYS A 17 4.52 30.88 14.36
N VAL A 18 5.48 31.65 13.82
CA VAL A 18 5.82 32.97 14.39
C VAL A 18 4.76 34.01 14.06
N ILE A 19 4.75 35.11 14.81
CA ILE A 19 3.76 36.16 14.62
C ILE A 19 4.26 37.05 13.48
N ASP A 20 3.54 37.00 12.36
CA ASP A 20 3.98 37.65 11.12
C ASP A 20 3.25 38.98 10.91
N PRO A 21 4.00 40.09 10.77
CA PRO A 21 3.35 41.34 10.36
C PRO A 21 3.03 41.28 8.86
N GLN A 22 1.74 41.43 8.53
CA GLN A 22 1.26 41.37 7.13
C GLN A 22 2.30 41.95 6.18
N HIS A 23 2.75 43.16 6.49
CA HIS A 23 3.83 43.82 5.76
C HIS A 23 5.15 43.31 6.36
N SER A 24 5.86 42.43 5.63
CA SER A 24 7.02 41.70 6.15
C SER A 24 8.37 42.35 5.83
N ASP A 25 9.35 42.12 6.72
CA ASP A 25 10.73 42.61 6.54
C ASP A 25 11.77 41.48 6.42
N LYS A 26 11.43 40.28 6.91
CA LYS A 26 12.17 39.05 6.56
C LYS A 26 12.10 38.83 5.06
N PRO A 27 13.18 38.32 4.44
CA PRO A 27 13.06 37.98 3.01
C PRO A 27 12.22 36.73 2.78
N ASN A 28 11.66 36.61 1.56
CA ASN A 28 10.83 35.47 1.19
C ASN A 28 11.60 34.49 0.26
N VAL A 29 11.65 33.22 0.68
CA VAL A 29 12.47 32.21 -0.01
C VAL A 29 11.62 31.05 -0.54
N LEU A 30 12.00 30.57 -1.72
CA LEU A 30 11.21 29.56 -2.41
C LEU A 30 12.05 28.35 -2.83
N ILE A 31 11.61 27.20 -2.35
CA ILE A 31 12.24 25.92 -2.64
C ILE A 31 11.37 25.20 -3.66
N LEU A 32 11.96 24.82 -4.79
CA LEU A 32 11.24 24.04 -5.80
C LEU A 32 11.54 22.54 -5.68
N GLY A 33 10.57 21.79 -5.17
CA GLY A 33 10.68 20.32 -5.08
C GLY A 33 10.53 19.83 -3.65
N SER A 34 10.44 18.51 -3.49
CA SER A 34 10.41 17.91 -2.15
C SER A 34 11.34 16.69 -2.02
N GLY A 35 12.42 16.68 -2.80
CA GLY A 35 13.41 15.60 -2.76
C GLY A 35 14.70 15.97 -2.06
N TRP A 36 15.81 15.39 -2.53
CA TRP A 36 17.12 15.50 -1.85
C TRP A 36 17.59 16.94 -1.66
N GLY A 37 17.63 17.72 -2.73
CA GLY A 37 18.07 19.11 -2.63
C GLY A 37 17.15 19.89 -1.70
N ALA A 38 15.91 20.03 -2.13
CA ALA A 38 14.89 20.82 -1.45
C ALA A 38 14.71 20.50 0.03
N ILE A 39 14.55 19.23 0.36
CA ILE A 39 14.34 18.84 1.74
C ILE A 39 15.61 19.01 2.56
N SER A 40 16.75 18.86 1.92
CA SER A 40 18.01 19.14 2.58
C SER A 40 18.10 20.63 2.91
N PHE A 41 17.80 21.46 1.91
CA PHE A 41 17.74 22.89 2.14
C PHE A 41 16.67 23.31 3.16
N LEU A 42 15.53 22.65 3.17
CA LEU A 42 14.52 22.95 4.19
C LEU A 42 15.09 22.70 5.56
N LYS A 43 15.76 21.58 5.75
CA LYS A 43 16.20 21.18 7.09
C LYS A 43 17.09 22.21 7.77
N HIS A 44 18.03 22.79 7.02
CA HIS A 44 19.09 23.64 7.58
C HIS A 44 18.86 25.15 7.41
N ILE A 45 17.74 25.56 6.83
CA ILE A 45 17.49 26.99 6.67
C ILE A 45 16.94 27.54 8.00
N ASP A 46 17.45 28.70 8.43
CA ASP A 46 16.90 29.36 9.62
C ASP A 46 15.57 29.98 9.25
N THR A 47 14.51 29.43 9.83
CA THR A 47 13.15 29.87 9.53
C THR A 47 12.72 31.07 10.35
N LYS A 48 13.61 31.59 11.20
CA LYS A 48 13.35 32.83 11.90
C LYS A 48 13.82 34.05 11.12
N LYS A 49 15.05 34.01 10.63
CA LYS A 49 15.58 35.12 9.83
C LYS A 49 14.99 35.16 8.41
N TYR A 50 14.50 34.02 7.91
CA TYR A 50 13.91 33.92 6.57
C TYR A 50 12.48 33.37 6.59
N ASN A 51 11.75 33.60 5.50
CA ASN A 51 10.45 32.94 5.28
C ASN A 51 10.45 32.04 4.04
N VAL A 52 10.25 30.75 4.29
CA VAL A 52 10.44 29.70 3.31
C VAL A 52 9.09 29.14 2.87
N SER A 53 8.88 29.10 1.57
CA SER A 53 7.72 28.43 0.99
C SER A 53 8.17 27.47 -0.09
N ILE A 54 7.38 26.41 -0.28
CA ILE A 54 7.73 25.29 -1.15
C ILE A 54 6.67 25.02 -2.25
N ILE A 55 7.14 24.58 -3.42
CA ILE A 55 6.25 24.06 -4.45
C ILE A 55 6.71 22.65 -4.87
N SER A 56 5.84 21.66 -4.73
CA SER A 56 6.10 20.30 -5.24
C SER A 56 4.80 19.54 -5.41
N PRO A 57 4.62 18.89 -6.57
CA PRO A 57 3.44 18.07 -6.76
C PRO A 57 3.45 16.92 -5.79
N ARG A 58 4.66 16.49 -5.40
CA ARG A 58 4.87 15.43 -4.42
C ARG A 58 4.93 15.95 -2.97
N SER A 59 3.99 15.47 -2.17
CA SER A 59 3.82 15.89 -0.77
C SER A 59 4.73 15.12 0.17
N TYR A 60 5.54 14.22 -0.39
CA TYR A 60 6.44 13.43 0.41
C TYR A 60 7.85 13.56 -0.14
N PHE A 61 8.82 13.43 0.77
CA PHE A 61 10.20 13.19 0.40
C PHE A 61 10.37 11.72 0.08
N LEU A 62 11.33 11.41 -0.80
CA LEU A 62 11.56 10.03 -1.20
C LEU A 62 13.02 9.68 -0.96
N PHE A 63 13.25 8.69 -0.08
CA PHE A 63 14.60 8.16 0.12
C PHE A 63 14.97 7.31 -1.09
N THR A 64 15.38 8.00 -2.14
CA THR A 64 15.57 7.39 -3.47
C THR A 64 16.44 6.14 -3.53
N PRO A 65 17.46 6.03 -2.65
CA PRO A 65 18.31 4.83 -2.66
C PRO A 65 17.56 3.53 -2.46
N LEU A 66 16.57 3.52 -1.58
CA LEU A 66 15.87 2.28 -1.30
C LEU A 66 14.74 1.94 -2.29
N LEU A 67 14.36 2.87 -3.16
CA LEU A 67 13.30 2.61 -4.15
C LEU A 67 13.32 1.20 -4.79
N PRO A 68 14.47 0.71 -5.29
CA PRO A 68 14.45 -0.55 -6.04
C PRO A 68 14.08 -1.82 -5.24
N SER A 69 13.99 -1.65 -3.93
CA SER A 69 13.63 -2.70 -3.01
C SER A 69 12.15 -2.65 -2.64
N ALA A 70 11.40 -1.75 -3.28
CA ALA A 70 9.97 -1.69 -3.04
C ALA A 70 9.14 -2.54 -4.03
N PRO A 71 9.55 -2.58 -5.31
CA PRO A 71 8.77 -3.36 -6.26
C PRO A 71 8.60 -4.84 -5.91
N VAL A 72 9.53 -5.41 -5.17
CA VAL A 72 9.40 -6.80 -4.77
C VAL A 72 9.19 -6.93 -3.28
N GLY A 73 8.69 -5.86 -2.69
CA GLY A 73 8.39 -5.88 -1.27
C GLY A 73 9.55 -6.22 -0.33
N THR A 74 10.78 -6.01 -0.78
CA THR A 74 11.94 -6.08 0.12
C THR A 74 11.68 -5.03 1.19
N VAL A 75 10.96 -3.99 0.79
CA VAL A 75 10.61 -2.86 1.63
C VAL A 75 9.30 -2.23 1.13
N ASP A 76 8.47 -1.72 2.04
CA ASP A 76 7.18 -1.16 1.66
C ASP A 76 7.36 0.26 1.15
N GLU A 77 6.52 0.66 0.20
CA GLU A 77 6.65 1.99 -0.38
C GLU A 77 6.41 3.08 0.66
N LYS A 78 5.55 2.83 1.65
CA LYS A 78 5.35 3.79 2.75
C LYS A 78 6.59 3.96 3.65
N SER A 79 7.34 2.88 3.86
CA SER A 79 8.52 2.88 4.72
C SER A 79 9.61 3.86 4.30
N ILE A 80 9.69 4.17 3.00
CA ILE A 80 10.77 5.03 2.49
C ILE A 80 10.35 6.47 2.14
N ILE A 81 9.09 6.80 2.32
CA ILE A 81 8.66 8.18 2.14
C ILE A 81 8.34 8.85 3.48
N GLU A 82 8.45 10.17 3.49
CA GLU A 82 8.12 11.00 4.66
C GLU A 82 7.59 12.35 4.16
N PRO A 83 6.50 12.84 4.76
CA PRO A 83 5.87 14.08 4.28
C PRO A 83 6.66 15.37 4.52
N ILE A 84 6.40 16.39 3.72
CA ILE A 84 7.08 17.66 3.86
C ILE A 84 6.65 18.27 5.18
N VAL A 85 5.34 18.33 5.38
CA VAL A 85 4.75 18.82 6.61
C VAL A 85 5.56 18.29 7.78
N ASN A 86 5.78 16.97 7.84
CA ASN A 86 6.54 16.38 8.94
C ASN A 86 7.92 17.01 9.20
N PHE A 87 8.58 17.46 8.13
CA PHE A 87 9.84 18.19 8.27
C PHE A 87 9.58 19.63 8.68
N ALA A 88 8.66 20.29 7.98
CA ALA A 88 8.33 21.68 8.24
C ALA A 88 7.73 21.90 9.64
N LEU A 89 7.13 20.85 10.20
CA LEU A 89 6.61 20.87 11.58
C LEU A 89 7.70 20.96 12.65
N LYS A 90 8.91 20.53 12.29
CA LYS A 90 10.07 20.65 13.16
C LYS A 90 10.96 21.78 12.63
N LYS A 91 10.41 22.98 12.61
CA LYS A 91 11.15 24.19 12.26
C LYS A 91 10.76 25.27 13.25
N LYS A 92 11.45 26.40 13.18
CA LYS A 92 11.24 27.47 14.13
C LYS A 92 10.09 28.36 13.66
N GLY A 93 10.17 28.83 12.41
CA GLY A 93 9.22 29.80 11.87
C GLY A 93 8.18 29.27 10.90
N ASN A 94 7.65 30.18 10.08
CA ASN A 94 6.51 29.90 9.22
C ASN A 94 6.91 29.21 7.92
N VAL A 95 6.42 27.99 7.72
CA VAL A 95 6.61 27.27 6.45
C VAL A 95 5.28 27.19 5.72
N THR A 96 5.34 27.24 4.40
CA THR A 96 4.16 27.01 3.57
C THR A 96 4.51 26.18 2.35
N TYR A 97 3.59 25.29 1.98
CA TYR A 97 3.78 24.36 0.88
C TYR A 97 2.56 24.41 -0.02
N TYR A 98 2.74 24.90 -1.25
CA TYR A 98 1.70 24.85 -2.27
C TYR A 98 1.88 23.58 -3.10
N GLU A 99 1.23 22.47 -2.71
CA GLU A 99 1.31 21.21 -3.46
C GLU A 99 0.93 21.39 -4.93
N ALA A 100 1.89 21.68 -5.79
CA ALA A 100 1.63 21.93 -7.21
C ALA A 100 2.90 21.70 -8.01
N GLU A 101 2.90 22.06 -9.29
CA GLU A 101 4.14 22.05 -10.06
C GLU A 101 4.40 23.40 -10.68
N ALA A 102 5.67 23.82 -10.65
CA ALA A 102 6.06 25.00 -11.38
C ALA A 102 5.90 24.67 -12.85
N THR A 103 5.34 25.61 -13.60
CA THR A 103 5.19 25.47 -15.04
C THR A 103 6.11 26.43 -15.79
N SER A 104 6.32 27.61 -15.22
CA SER A 104 7.28 28.59 -15.76
C SER A 104 7.89 29.37 -14.62
N ILE A 105 9.22 29.44 -14.63
CA ILE A 105 9.95 30.40 -13.81
C ILE A 105 9.99 31.70 -14.62
N ASN A 106 9.85 32.83 -13.93
CA ASN A 106 9.84 34.15 -14.56
C ASN A 106 10.92 35.04 -13.93
N PRO A 107 12.16 34.96 -14.45
CA PRO A 107 13.30 35.56 -13.75
C PRO A 107 13.20 37.07 -13.54
N ASP A 108 12.82 37.81 -14.58
CA ASP A 108 12.80 39.27 -14.55
C ASP A 108 11.49 39.85 -14.00
N ARG A 109 10.54 38.98 -13.66
CA ARG A 109 9.31 39.42 -12.99
C ARG A 109 9.19 38.83 -11.58
N ASN A 110 10.27 38.20 -11.10
CA ASN A 110 10.36 37.60 -9.75
C ASN A 110 9.18 36.69 -9.32
N THR A 111 8.80 35.77 -10.20
CA THR A 111 7.73 34.81 -9.90
C THR A 111 7.88 33.44 -10.56
N VAL A 112 7.30 32.43 -9.91
CA VAL A 112 7.19 31.08 -10.49
C VAL A 112 5.73 30.76 -10.69
N THR A 113 5.36 30.54 -11.95
CA THR A 113 3.99 30.19 -12.30
C THR A 113 3.75 28.73 -11.92
N ILE A 114 2.69 28.48 -11.17
CA ILE A 114 2.38 27.12 -10.77
C ILE A 114 1.02 26.73 -11.25
N LYS A 115 0.97 25.77 -12.16
CA LYS A 115 -0.29 25.16 -12.54
C LYS A 115 -0.28 23.74 -12.01
N SER A 116 -0.73 23.58 -10.78
CA SER A 116 -1.05 22.26 -10.25
C SER A 116 -1.88 21.52 -11.26
N LEU A 117 -1.63 20.22 -11.39
CA LEU A 117 -2.57 19.35 -12.09
C LEU A 117 -3.94 19.52 -11.41
N SER A 118 -3.92 19.62 -10.08
CA SER A 118 -5.13 19.85 -9.27
C SER A 118 -5.33 21.34 -8.88
N ALA A 119 -6.35 21.99 -9.45
CA ALA A 119 -6.69 23.39 -9.14
C ALA A 119 -8.15 23.51 -8.66
N PRO A 137 -2.70 35.39 -13.13
CA PRO A 137 -2.40 34.24 -12.25
C PRO A 137 -1.60 33.12 -12.98
N ALA A 138 -1.17 32.06 -12.28
CA ALA A 138 -1.24 31.88 -10.81
C ALA A 138 0.17 31.92 -10.19
N GLU A 139 0.81 33.08 -10.32
CA GLU A 139 2.21 33.28 -9.93
C GLU A 139 2.44 33.15 -8.42
N ILE A 140 3.69 32.87 -8.05
CA ILE A 140 4.14 32.99 -6.66
C ILE A 140 5.31 33.96 -6.64
N LYS A 141 5.29 34.89 -5.68
CA LYS A 141 6.33 35.92 -5.56
C LYS A 141 7.48 35.42 -4.73
N TYR A 142 8.68 35.89 -5.06
CA TYR A 142 9.87 35.51 -4.32
C TYR A 142 10.98 36.56 -4.29
N ASP A 143 11.64 36.67 -3.14
CA ASP A 143 12.88 37.41 -3.01
C ASP A 143 14.05 36.51 -3.45
N TYR A 144 14.09 35.29 -2.91
CA TYR A 144 15.10 34.27 -3.25
C TYR A 144 14.47 32.98 -3.81
N LEU A 145 15.15 32.35 -4.78
CA LEU A 145 14.67 31.09 -5.41
C LEU A 145 15.69 29.94 -5.38
N ILE A 146 15.26 28.80 -4.83
CA ILE A 146 16.09 27.61 -4.69
C ILE A 146 15.57 26.50 -5.61
N SER A 147 16.02 26.49 -6.86
CA SER A 147 15.50 25.54 -7.84
C SER A 147 16.14 24.15 -7.70
N ALA A 148 15.35 23.19 -7.24
CA ALA A 148 15.84 21.84 -6.94
C ALA A 148 14.82 20.78 -7.33
N VAL A 149 14.37 20.82 -8.58
CA VAL A 149 13.23 20.00 -9.02
C VAL A 149 13.61 18.57 -9.39
N GLY A 150 14.90 18.32 -9.52
CA GLY A 150 15.37 17.02 -9.92
C GLY A 150 15.40 17.01 -11.43
N ALA A 151 15.86 15.90 -11.99
CA ALA A 151 15.79 15.71 -13.42
C ALA A 151 14.77 14.61 -13.67
N GLU A 152 14.42 14.43 -14.93
CA GLU A 152 13.54 13.35 -15.33
C GLU A 152 14.40 12.31 -16.02
N PRO A 153 13.90 11.05 -16.15
CA PRO A 153 14.68 10.02 -16.84
C PRO A 153 14.58 10.19 -18.35
N ASN A 154 15.54 9.61 -19.08
CA ASN A 154 15.75 9.91 -20.51
C ASN A 154 15.76 8.68 -21.44
N THR A 155 14.97 8.75 -22.52
CA THR A 155 14.88 7.65 -23.49
C THR A 155 15.88 7.68 -24.67
N PHE A 156 16.70 8.74 -24.75
CA PHE A 156 17.64 8.94 -25.86
C PHE A 156 16.91 8.78 -27.18
N GLY A 157 15.64 9.22 -27.22
CA GLY A 157 14.76 9.07 -28.39
C GLY A 157 14.70 7.67 -28.98
N ILE A 158 14.94 6.67 -28.14
CA ILE A 158 14.88 5.28 -28.59
C ILE A 158 13.41 4.90 -28.69
N PRO A 159 12.94 4.60 -29.91
CA PRO A 159 11.50 4.39 -30.01
C PRO A 159 11.05 3.20 -29.19
N GLY A 160 9.99 3.41 -28.43
CA GLY A 160 9.32 2.32 -27.73
C GLY A 160 9.39 2.35 -26.22
N VAL A 161 10.33 3.11 -25.67
CA VAL A 161 10.62 3.05 -24.22
C VAL A 161 9.40 3.48 -23.38
N THR A 162 8.79 4.59 -23.74
CA THR A 162 7.75 5.12 -22.89
C THR A 162 6.53 4.24 -22.92
N ASP A 163 6.34 3.51 -24.01
CA ASP A 163 5.11 2.72 -24.21
C ASP A 163 5.14 1.42 -23.43
N TYR A 164 6.21 0.67 -23.60
CA TYR A 164 6.33 -0.66 -23.03
C TYR A 164 7.22 -0.71 -21.79
N GLY A 165 7.98 0.35 -21.55
CA GLY A 165 8.93 0.37 -20.45
C GLY A 165 8.37 0.94 -19.16
N HIS A 166 9.14 0.78 -18.10
CA HIS A 166 8.86 1.35 -16.78
C HIS A 166 10.08 2.07 -16.23
N PHE A 167 9.96 3.37 -16.05
CA PHE A 167 10.97 4.13 -15.32
C PHE A 167 10.97 3.64 -13.87
N LEU A 168 12.05 3.90 -13.15
CA LEU A 168 12.11 3.56 -11.75
C LEU A 168 12.48 4.82 -10.98
N LYS A 169 11.65 5.83 -11.09
CA LYS A 169 12.01 7.15 -10.60
C LYS A 169 11.22 7.55 -9.37
N GLU A 170 9.99 7.05 -9.25
CA GLU A 170 9.04 7.56 -8.26
C GLU A 170 8.20 6.42 -7.76
N ILE A 171 7.69 6.58 -6.55
CA ILE A 171 6.86 5.54 -5.91
C ILE A 171 5.85 4.81 -6.83
N PRO A 172 5.06 5.56 -7.60
CA PRO A 172 4.11 4.94 -8.52
C PRO A 172 4.78 4.01 -9.49
N ASN A 173 6.00 4.30 -9.88
CA ASN A 173 6.73 3.37 -10.72
C ASN A 173 6.93 2.03 -10.05
N SER A 174 7.07 2.01 -8.73
CA SER A 174 7.24 0.75 -8.03
C SER A 174 5.97 -0.09 -8.16
N LEU A 175 4.83 0.51 -7.86
CA LEU A 175 3.53 -0.17 -8.05
C LEU A 175 3.36 -0.63 -9.51
N GLU A 176 3.73 0.22 -10.47
CA GLU A 176 3.56 -0.11 -11.90
C GLU A 176 4.32 -1.37 -12.25
N ILE A 177 5.51 -1.51 -11.69
CA ILE A 177 6.36 -2.67 -11.97
C ILE A 177 5.82 -3.95 -11.33
N ARG A 178 5.54 -3.91 -10.03
CA ARG A 178 5.00 -5.07 -9.30
C ARG A 178 3.76 -5.62 -9.98
N ARG A 179 2.83 -4.70 -10.23
CA ARG A 179 1.63 -4.97 -11.01
C ARG A 179 2.00 -5.70 -12.28
N THR A 180 2.89 -5.13 -13.07
CA THR A 180 3.25 -5.73 -14.34
C THR A 180 3.79 -7.13 -14.14
N PHE A 181 4.77 -7.25 -13.25
CA PHE A 181 5.49 -8.51 -13.05
C PHE A 181 4.53 -9.58 -12.55
N ALA A 182 3.63 -9.21 -11.64
CA ALA A 182 2.66 -10.18 -11.11
C ALA A 182 1.76 -10.68 -12.22
N ALA A 183 1.15 -9.76 -12.96
CA ALA A 183 0.25 -10.09 -14.06
C ALA A 183 0.86 -11.05 -15.07
N ASN A 184 2.17 -10.98 -15.22
CA ASN A 184 2.89 -11.91 -16.10
C ASN A 184 3.13 -13.26 -15.42
N LEU A 185 3.57 -13.22 -14.16
CA LEU A 185 3.73 -14.45 -13.38
C LEU A 185 2.42 -15.23 -13.37
N GLU A 186 1.36 -14.50 -13.04
CA GLU A 186 0.00 -14.97 -13.21
C GLU A 186 -0.30 -15.54 -14.60
N LYS A 187 -0.17 -14.73 -15.65
CA LYS A 187 -0.49 -15.20 -17.02
C LYS A 187 0.38 -16.33 -17.52
N ALA A 188 1.58 -16.43 -16.99
CA ALA A 188 2.54 -17.43 -17.42
C ALA A 188 2.23 -18.81 -16.82
N ASN A 189 1.74 -18.83 -15.59
CA ASN A 189 1.53 -20.11 -14.91
C ASN A 189 0.37 -20.90 -15.46
N LEU A 190 -0.42 -20.30 -16.34
CA LEU A 190 -1.48 -21.00 -17.03
C LEU A 190 -1.07 -21.55 -18.41
N LEU A 191 0.24 -21.51 -18.70
CA LEU A 191 0.78 -22.03 -19.94
C LEU A 191 1.75 -23.16 -19.63
N PRO A 192 1.92 -24.09 -20.58
CA PRO A 192 2.70 -25.30 -20.29
C PRO A 192 4.20 -25.06 -20.32
N LYS A 193 4.91 -25.67 -19.37
CA LYS A 193 6.37 -25.49 -19.20
C LYS A 193 7.17 -25.21 -20.47
N GLY A 194 6.90 -26.00 -21.51
CA GLY A 194 7.61 -25.88 -22.79
C GLY A 194 6.91 -25.01 -23.82
N ASP A 195 6.57 -23.77 -23.44
CA ASP A 195 6.03 -22.76 -24.37
C ASP A 195 7.07 -21.65 -24.47
N PRO A 196 7.28 -21.09 -25.68
CA PRO A 196 8.05 -19.85 -25.76
C PRO A 196 7.38 -18.70 -24.96
N GLU A 197 6.15 -18.36 -25.34
CA GLU A 197 5.36 -17.27 -24.74
C GLU A 197 5.36 -17.24 -23.21
N ARG A 198 5.59 -18.38 -22.57
CA ARG A 198 5.76 -18.41 -21.13
C ARG A 198 7.19 -18.04 -20.74
N ARG A 199 8.17 -18.48 -21.52
CA ARG A 199 9.58 -18.08 -21.33
C ARG A 199 9.74 -16.56 -21.38
N ARG A 200 9.05 -15.95 -22.32
CA ARG A 200 9.09 -14.51 -22.55
C ARG A 200 8.51 -13.73 -21.40
N LEU A 201 7.28 -14.07 -21.03
CA LEU A 201 6.62 -13.40 -19.93
C LEU A 201 7.49 -13.38 -18.67
N LEU A 202 8.29 -14.42 -18.48
CA LEU A 202 9.19 -14.48 -17.32
C LEU A 202 10.56 -13.84 -17.54
N SER A 203 10.85 -13.40 -18.77
CA SER A 203 12.03 -12.58 -19.05
C SER A 203 11.88 -11.19 -18.45
N ILE A 204 12.99 -10.62 -18.00
CA ILE A 204 13.03 -9.32 -17.33
C ILE A 204 14.30 -8.56 -17.70
N VAL A 205 14.16 -7.47 -18.45
CA VAL A 205 15.30 -6.68 -18.88
C VAL A 205 15.38 -5.35 -18.17
N VAL A 206 16.41 -5.20 -17.33
CA VAL A 206 16.77 -3.90 -16.78
C VAL A 206 17.79 -3.21 -17.70
N VAL A 207 17.44 -2.06 -18.27
CA VAL A 207 18.41 -1.29 -19.06
C VAL A 207 19.08 -0.29 -18.15
N GLY A 208 20.42 -0.24 -18.22
CA GLY A 208 21.24 0.71 -17.43
C GLY A 208 21.81 0.03 -16.21
N GLY A 209 23.13 -0.11 -16.16
CA GLY A 209 23.83 -0.85 -15.10
C GLY A 209 24.56 0.02 -14.09
N GLY A 210 24.03 1.21 -13.84
CA GLY A 210 24.41 1.99 -12.67
C GLY A 210 23.78 1.28 -11.51
N PRO A 211 24.19 1.60 -10.27
CA PRO A 211 23.74 0.89 -9.05
C PRO A 211 22.24 0.71 -8.92
N THR A 212 21.46 1.62 -9.50
CA THR A 212 20.03 1.44 -9.62
C THR A 212 19.70 0.15 -10.37
N GLY A 213 19.81 0.15 -11.70
CA GLY A 213 19.53 -1.04 -12.51
C GLY A 213 20.12 -2.31 -11.93
N VAL A 214 21.29 -2.19 -11.31
CA VAL A 214 21.92 -3.30 -10.62
C VAL A 214 21.07 -3.69 -9.43
N GLU A 215 21.01 -2.82 -8.43
CA GLU A 215 20.24 -3.09 -7.21
C GLU A 215 18.86 -3.62 -7.56
N ALA A 216 18.23 -3.02 -8.57
CA ALA A 216 16.90 -3.43 -9.01
C ALA A 216 16.95 -4.86 -9.48
N ALA A 217 17.61 -5.08 -10.61
CA ALA A 217 17.89 -6.43 -11.08
C ALA A 217 18.18 -7.34 -9.88
N GLY A 218 19.10 -6.90 -9.02
CA GLY A 218 19.46 -7.66 -7.83
C GLY A 218 18.25 -8.03 -6.99
N GLU A 219 17.46 -7.02 -6.63
CA GLU A 219 16.30 -7.22 -5.75
C GLU A 219 15.16 -8.02 -6.38
N LEU A 220 15.11 -8.08 -7.70
CA LEU A 220 14.12 -8.94 -8.33
C LEU A 220 14.55 -10.38 -8.13
N GLN A 221 15.70 -10.73 -8.68
CA GLN A 221 16.23 -12.09 -8.56
C GLN A 221 16.06 -12.63 -7.16
N ASP A 222 16.24 -11.78 -6.15
CA ASP A 222 15.94 -12.17 -4.79
C ASP A 222 14.53 -12.71 -4.72
N TYR A 223 13.55 -11.88 -5.05
CA TYR A 223 12.17 -12.29 -4.95
C TYR A 223 11.91 -13.59 -5.71
N VAL A 224 12.51 -13.75 -6.88
CA VAL A 224 12.39 -14.99 -7.62
C VAL A 224 13.04 -16.12 -6.82
N HIS A 225 14.34 -15.96 -6.54
CA HIS A 225 15.14 -16.99 -5.85
C HIS A 225 14.72 -17.26 -4.42
N GLN A 226 14.05 -16.32 -3.76
CA GLN A 226 13.68 -16.49 -2.35
C GLN A 226 12.19 -16.73 -2.15
N ASP A 227 11.37 -15.84 -2.71
CA ASP A 227 9.92 -15.92 -2.56
C ASP A 227 9.31 -16.90 -3.55
N LEU A 228 9.48 -16.60 -4.84
CA LEU A 228 8.70 -17.26 -5.87
C LEU A 228 8.88 -18.76 -5.80
N ARG A 229 10.13 -19.21 -5.80
CA ARG A 229 10.44 -20.66 -5.86
C ARG A 229 9.80 -21.44 -4.71
N LYS A 230 9.74 -20.83 -3.54
CA LYS A 230 9.12 -21.46 -2.37
C LYS A 230 7.66 -21.85 -2.61
N PHE A 231 7.06 -21.42 -3.71
CA PHE A 231 5.73 -21.93 -4.06
C PHE A 231 5.44 -22.16 -5.55
N LEU A 232 6.32 -21.73 -6.46
CA LEU A 232 6.21 -22.12 -7.88
C LEU A 232 7.60 -22.16 -8.49
N PRO A 233 8.37 -23.22 -8.20
CA PRO A 233 9.71 -23.37 -8.78
C PRO A 233 9.65 -23.63 -10.29
N ALA A 234 8.57 -24.30 -10.72
CA ALA A 234 8.17 -24.41 -12.13
C ALA A 234 8.24 -23.07 -12.86
N LEU A 235 7.68 -22.01 -12.25
CA LEU A 235 7.79 -20.64 -12.79
C LEU A 235 9.14 -20.01 -12.47
N ALA A 236 9.52 -20.08 -11.18
CA ALA A 236 10.73 -19.42 -10.69
C ALA A 236 11.94 -19.68 -11.57
N GLU A 237 12.23 -20.97 -11.78
CA GLU A 237 13.35 -21.38 -12.60
C GLU A 237 13.35 -20.63 -13.91
N GLU A 238 12.22 -20.63 -14.61
CA GLU A 238 12.13 -20.04 -15.94
C GLU A 238 12.24 -18.51 -15.93
N VAL A 239 12.18 -17.88 -14.76
CA VAL A 239 12.32 -16.44 -14.70
C VAL A 239 13.76 -16.04 -14.99
N GLN A 240 13.92 -15.11 -15.93
CA GLN A 240 15.21 -14.64 -16.38
C GLN A 240 15.30 -13.12 -16.22
N ILE A 241 16.39 -12.66 -15.59
CA ILE A 241 16.64 -11.23 -15.43
C ILE A 241 17.91 -10.85 -16.18
N HIS A 242 17.77 -9.98 -17.18
CA HIS A 242 18.90 -9.48 -17.95
C HIS A 242 19.23 -8.07 -17.53
N LEU A 243 20.51 -7.74 -17.46
CA LEU A 243 20.96 -6.36 -17.16
C LEU A 243 21.72 -5.75 -18.36
N VAL A 244 21.07 -4.88 -19.13
CA VAL A 244 21.74 -4.25 -20.27
C VAL A 244 22.45 -2.98 -19.85
N GLU A 245 23.67 -2.80 -20.35
CA GLU A 245 24.51 -1.64 -20.06
C GLU A 245 25.35 -1.30 -21.31
N ALA A 246 25.35 -0.03 -21.70
CA ALA A 246 26.10 0.44 -22.87
C ALA A 246 27.63 0.48 -22.70
N LEU A 247 28.10 0.52 -21.45
CA LEU A 247 29.54 0.70 -21.15
C LEU A 247 30.30 -0.60 -20.95
N PRO A 248 31.63 -0.53 -21.02
CA PRO A 248 32.54 -1.64 -20.69
C PRO A 248 32.20 -2.44 -19.43
N ILE A 249 31.67 -1.78 -18.40
CA ILE A 249 31.40 -2.43 -17.11
C ILE A 249 30.22 -1.83 -16.34
N VAL A 250 29.65 -2.64 -15.46
CA VAL A 250 28.61 -2.18 -14.54
C VAL A 250 29.24 -1.31 -13.46
N LEU A 251 28.50 -0.30 -13.00
CA LEU A 251 28.87 0.48 -11.81
C LEU A 251 30.21 1.21 -12.00
N ASN A 252 30.36 1.94 -13.09
CA ASN A 252 31.66 2.52 -13.43
C ASN A 252 32.30 3.30 -12.28
N MET A 253 31.50 3.91 -11.43
CA MET A 253 32.04 4.78 -10.40
C MET A 253 32.73 4.01 -9.26
N PHE A 254 32.51 2.70 -9.18
CA PHE A 254 33.32 1.82 -8.32
C PHE A 254 34.63 1.52 -9.02
N GLU A 255 35.70 1.30 -8.27
CA GLU A 255 37.02 1.05 -8.86
C GLU A 255 37.07 -0.26 -9.64
N LYS A 256 37.85 -0.26 -10.72
CA LYS A 256 37.93 -1.37 -11.70
C LYS A 256 37.73 -2.77 -11.14
N LYS A 257 38.44 -3.11 -10.06
CA LYS A 257 38.41 -4.48 -9.54
C LYS A 257 37.04 -4.86 -8.97
N LEU A 258 36.33 -3.87 -8.42
CA LEU A 258 35.01 -4.08 -7.81
C LEU A 258 33.93 -4.36 -8.85
N SER A 259 33.97 -3.61 -9.95
CA SER A 259 33.00 -3.78 -11.05
C SER A 259 32.92 -5.23 -11.56
N SER A 260 34.07 -5.93 -11.54
CA SER A 260 34.15 -7.32 -11.98
C SER A 260 33.61 -8.29 -10.93
N TYR A 261 33.86 -8.02 -9.65
CA TYR A 261 33.32 -8.86 -8.58
C TYR A 261 31.80 -8.74 -8.48
N ALA A 262 31.30 -7.52 -8.67
CA ALA A 262 29.86 -7.28 -8.74
C ALA A 262 29.26 -8.10 -9.87
N GLN A 263 29.88 -7.99 -11.04
CA GLN A 263 29.43 -8.73 -12.21
C GLN A 263 29.60 -10.24 -12.04
N SER A 264 30.73 -10.67 -11.49
CA SER A 264 30.89 -12.08 -11.07
C SER A 264 29.62 -12.51 -10.34
N HIS A 265 29.29 -11.77 -9.29
CA HIS A 265 28.18 -12.10 -8.41
C HIS A 265 26.80 -12.00 -9.07
N LEU A 266 26.62 -11.02 -9.93
CA LEU A 266 25.36 -10.89 -10.66
C LEU A 266 25.14 -12.13 -11.52
N GLU A 267 26.10 -12.37 -12.42
CA GLU A 267 26.01 -13.51 -13.34
C GLU A 267 25.94 -14.82 -12.60
N ASN A 268 26.65 -14.90 -11.48
CA ASN A 268 26.68 -16.10 -10.63
C ASN A 268 25.34 -16.34 -9.89
N THR A 269 24.51 -15.30 -9.74
CA THR A 269 23.12 -15.46 -9.26
C THR A 269 22.10 -15.60 -10.41
N SER A 270 22.60 -16.00 -11.57
N SER A 270 22.58 -15.99 -11.59
CA SER A 270 21.78 -16.27 -12.76
CA SER A 270 21.74 -16.28 -12.73
C SER A 270 21.26 -15.02 -13.42
C SER A 270 21.26 -15.02 -13.45
N ILE A 271 22.08 -13.97 -13.48
CA ILE A 271 21.68 -12.72 -14.15
C ILE A 271 22.52 -12.49 -15.40
N LYS A 272 21.86 -12.47 -16.55
CA LYS A 272 22.55 -12.40 -17.82
C LYS A 272 22.97 -10.95 -18.07
N VAL A 273 24.27 -10.66 -17.91
CA VAL A 273 24.76 -9.29 -17.97
C VAL A 273 25.28 -8.96 -19.35
N HIS A 274 24.77 -7.89 -19.95
CA HIS A 274 25.09 -7.51 -21.33
C HIS A 274 25.86 -6.20 -21.42
N LEU A 275 27.18 -6.31 -21.35
CA LEU A 275 28.04 -5.13 -21.42
C LEU A 275 28.24 -4.67 -22.86
N ARG A 276 28.76 -3.45 -23.02
CA ARG A 276 28.96 -2.78 -24.33
C ARG A 276 27.73 -2.91 -25.26
N THR A 277 26.53 -2.90 -24.66
CA THR A 277 25.29 -3.20 -25.35
C THR A 277 24.32 -2.01 -25.27
N ALA A 278 23.66 -1.69 -26.38
CA ALA A 278 22.69 -0.60 -26.38
C ALA A 278 21.39 -0.94 -27.11
N VAL A 279 20.28 -0.48 -26.55
CA VAL A 279 18.95 -0.82 -27.05
C VAL A 279 18.58 0.06 -28.22
N ALA A 280 18.59 -0.52 -29.41
CA ALA A 280 18.36 0.23 -30.62
C ALA A 280 16.89 0.59 -30.73
N LYS A 281 16.02 -0.34 -30.33
CA LYS A 281 14.60 0.00 -30.16
C LYS A 281 13.86 -0.94 -29.24
N VAL A 282 12.61 -0.61 -28.95
CA VAL A 282 11.77 -1.38 -28.07
C VAL A 282 10.40 -1.61 -28.70
N GLU A 283 10.03 -2.89 -28.77
CA GLU A 283 8.74 -3.31 -29.25
C GLU A 283 7.97 -3.93 -28.07
N GLU A 284 6.71 -4.30 -28.30
CA GLU A 284 5.84 -4.83 -27.26
C GLU A 284 6.40 -6.10 -26.61
N LYS A 285 6.82 -7.05 -27.46
CA LYS A 285 7.20 -8.41 -27.05
C LYS A 285 8.70 -8.61 -26.83
N GLN A 286 9.48 -7.67 -27.33
CA GLN A 286 10.90 -7.84 -27.45
C GLN A 286 11.53 -6.50 -27.67
N LEU A 287 12.82 -6.42 -27.37
CA LEU A 287 13.59 -5.24 -27.64
C LEU A 287 14.84 -5.63 -28.40
N LEU A 288 15.03 -4.99 -29.54
CA LEU A 288 16.25 -5.13 -30.30
C LEU A 288 17.38 -4.42 -29.57
N ALA A 289 18.48 -5.14 -29.38
CA ALA A 289 19.69 -4.61 -28.77
C ALA A 289 20.89 -4.83 -29.66
N LYS A 290 21.91 -3.98 -29.50
CA LYS A 290 23.16 -4.11 -30.24
C LYS A 290 24.34 -4.09 -29.27
N THR A 291 25.41 -4.80 -29.65
CA THR A 291 26.57 -5.00 -28.78
C THR A 291 27.87 -4.83 -29.57
N LYS A 292 28.69 -3.84 -29.20
CA LYS A 292 30.03 -3.65 -29.78
C LYS A 292 31.04 -4.53 -29.06
N HIS A 293 31.90 -5.21 -29.81
CA HIS A 293 32.80 -6.20 -29.24
C HIS A 293 34.24 -5.69 -29.06
N GLU A 294 35.05 -6.49 -28.36
CA GLU A 294 36.47 -6.20 -28.15
C GLU A 294 37.11 -5.80 -29.47
N ASP A 295 36.84 -6.60 -30.50
CA ASP A 295 37.32 -6.37 -31.86
C ASP A 295 36.59 -5.24 -32.61
N GLY A 296 35.79 -4.44 -31.91
CA GLY A 296 35.04 -3.34 -32.50
C GLY A 296 34.04 -3.71 -33.59
N LYS A 297 33.46 -4.91 -33.52
CA LYS A 297 32.41 -5.31 -34.48
C LYS A 297 31.02 -5.45 -33.85
N ILE A 298 30.11 -4.59 -34.31
CA ILE A 298 28.71 -4.57 -33.88
C ILE A 298 27.97 -5.82 -34.34
N THR A 299 27.47 -6.60 -33.37
CA THR A 299 26.48 -7.66 -33.63
C THR A 299 25.08 -7.17 -33.22
N GLU A 300 24.05 -7.88 -33.66
CA GLU A 300 22.68 -7.59 -33.22
C GLU A 300 22.12 -8.74 -32.38
N GLU A 301 20.93 -8.51 -31.81
CA GLU A 301 20.25 -9.52 -31.00
C GLU A 301 18.85 -9.06 -30.60
N THR A 302 17.90 -9.99 -30.59
CA THR A 302 16.58 -9.73 -30.02
C THR A 302 16.59 -10.28 -28.60
N ILE A 303 16.25 -9.43 -27.62
CA ILE A 303 15.93 -9.93 -26.30
C ILE A 303 14.42 -9.75 -26.11
N PRO A 304 13.67 -10.88 -26.08
CA PRO A 304 12.26 -10.83 -25.74
C PRO A 304 12.12 -10.74 -24.22
N TYR A 305 11.08 -10.04 -23.78
CA TYR A 305 10.94 -9.61 -22.39
C TYR A 305 9.46 -9.46 -21.99
N GLY A 306 9.16 -9.78 -20.74
CA GLY A 306 7.84 -9.52 -20.19
C GLY A 306 7.78 -8.15 -19.54
N THR A 307 8.82 -7.83 -18.77
CA THR A 307 8.88 -6.63 -17.95
C THR A 307 10.14 -5.84 -18.29
N LEU A 308 9.99 -4.54 -18.49
CA LEU A 308 11.11 -3.68 -18.92
C LEU A 308 11.34 -2.50 -17.98
N ILE A 309 12.36 -2.63 -17.11
CA ILE A 309 12.73 -1.56 -16.18
C ILE A 309 13.85 -0.75 -16.77
N TRP A 310 13.58 0.50 -17.10
CA TRP A 310 14.54 1.33 -17.84
C TRP A 310 15.15 2.34 -16.87
N ALA A 311 16.26 1.94 -16.28
CA ALA A 311 16.87 2.74 -15.21
C ALA A 311 18.16 3.34 -15.72
N THR A 312 18.02 4.31 -16.62
CA THR A 312 19.19 4.83 -17.30
C THR A 312 19.01 6.31 -17.60
N GLY A 313 20.05 7.07 -17.24
CA GLY A 313 20.25 8.45 -17.72
C GLY A 313 19.13 9.47 -17.47
N ASN A 314 19.49 10.60 -16.87
N ASN A 314 19.50 10.59 -16.85
CA ASN A 314 18.52 11.67 -16.65
CA ASN A 314 18.57 11.69 -16.64
C ASN A 314 18.65 12.80 -17.68
C ASN A 314 18.63 12.75 -17.75
N LYS A 315 17.59 13.59 -17.83
CA LYS A 315 17.55 14.70 -18.79
C LYS A 315 16.78 15.89 -18.21
N ALA A 316 16.82 17.01 -18.93
CA ALA A 316 16.38 18.28 -18.38
C ALA A 316 14.86 18.45 -18.35
N ARG A 317 14.34 18.76 -17.17
CA ARG A 317 12.92 19.04 -17.00
C ARG A 317 12.49 20.20 -17.90
N PRO A 318 11.22 20.22 -18.32
CA PRO A 318 10.80 21.26 -19.25
C PRO A 318 10.68 22.66 -18.62
N VAL A 319 10.51 22.77 -17.30
CA VAL A 319 10.60 24.08 -16.61
C VAL A 319 12.01 24.58 -16.60
N ILE A 320 12.94 23.65 -16.49
CA ILE A 320 14.33 24.02 -16.50
C ILE A 320 14.71 24.40 -17.92
N THR A 321 14.15 23.71 -18.92
CA THR A 321 14.44 24.06 -20.30
C THR A 321 13.71 25.33 -20.67
N ASP A 322 12.51 25.52 -20.13
CA ASP A 322 11.81 26.79 -20.28
C ASP A 322 12.73 27.94 -19.84
N LEU A 323 13.37 27.78 -18.67
CA LEU A 323 14.25 28.83 -18.11
C LEU A 323 15.68 28.85 -18.68
N PHE A 324 15.92 28.21 -19.82
CA PHE A 324 17.19 28.36 -20.54
C PHE A 324 17.11 29.46 -21.59
N LYS A 325 15.90 29.73 -22.07
CA LYS A 325 15.67 30.77 -23.08
C LYS A 325 15.61 32.18 -22.46
N LYS A 326 15.23 32.26 -21.19
CA LYS A 326 15.00 33.52 -20.50
C LYS A 326 16.22 34.06 -19.74
N ILE A 327 17.42 33.55 -20.05
CA ILE A 327 18.68 34.10 -19.51
C ILE A 327 19.78 33.86 -20.54
N PRO A 328 20.43 34.95 -21.04
CA PRO A 328 21.46 34.83 -22.09
C PRO A 328 22.59 33.86 -21.78
N GLU A 329 22.96 33.74 -20.50
CA GLU A 329 23.98 32.79 -20.07
C GLU A 329 23.51 31.35 -20.26
N GLN A 330 22.25 31.10 -19.93
CA GLN A 330 21.66 29.77 -20.03
C GLN A 330 21.15 29.43 -21.44
N ASN A 331 21.51 30.24 -22.43
CA ASN A 331 21.06 29.99 -23.81
C ASN A 331 21.69 28.74 -24.41
N SER A 332 22.94 28.44 -24.05
CA SER A 332 23.61 27.22 -24.51
C SER A 332 23.73 26.22 -23.36
N SER A 333 22.68 26.12 -22.54
CA SER A 333 22.67 25.26 -21.37
C SER A 333 21.85 24.02 -21.73
N LYS A 334 22.54 22.91 -21.96
CA LYS A 334 21.91 21.67 -22.43
C LYS A 334 21.50 20.77 -21.23
N ARG A 335 22.51 20.39 -20.44
CA ARG A 335 22.34 19.43 -19.34
C ARG A 335 21.42 19.93 -18.21
N GLY A 336 21.68 21.14 -17.76
CA GLY A 336 20.96 21.73 -16.64
C GLY A 336 21.43 23.15 -16.39
N LEU A 337 20.67 23.90 -15.59
CA LEU A 337 21.07 25.25 -15.21
C LEU A 337 22.53 25.24 -14.73
N ALA A 338 23.39 25.98 -15.41
CA ALA A 338 24.79 26.13 -14.99
C ALA A 338 24.86 27.09 -13.80
N VAL A 339 25.70 26.79 -12.82
CA VAL A 339 25.83 27.63 -11.62
C VAL A 339 27.27 27.94 -11.28
N ASN A 340 27.48 29.08 -10.63
CA ASN A 340 28.80 29.49 -10.17
C ASN A 340 29.18 28.73 -8.90
N ASP A 341 30.37 29.01 -8.36
CA ASP A 341 30.84 28.36 -7.13
C ASP A 341 30.01 28.72 -5.90
N PHE A 342 29.18 29.74 -6.02
CA PHE A 342 28.21 30.09 -4.98
C PHE A 342 26.82 29.54 -5.30
N LEU A 343 26.77 28.57 -6.22
CA LEU A 343 25.57 27.79 -6.55
C LEU A 343 24.40 28.67 -7.00
N GLN A 344 24.73 29.71 -7.74
CA GLN A 344 23.75 30.71 -8.14
C GLN A 344 23.62 30.61 -9.65
N VAL A 345 22.40 30.80 -10.13
CA VAL A 345 22.14 30.62 -11.54
C VAL A 345 22.94 31.68 -12.28
N LYS A 346 23.98 31.24 -13.00
CA LYS A 346 24.78 32.16 -13.81
C LYS A 346 23.84 32.95 -14.73
N GLY A 347 23.75 34.26 -14.48
CA GLY A 347 22.86 35.13 -15.26
C GLY A 347 21.69 35.63 -14.43
N SER A 348 21.48 35.05 -13.25
CA SER A 348 20.54 35.61 -12.27
C SER A 348 21.24 35.93 -10.97
N ASN A 349 20.65 36.84 -10.21
CA ASN A 349 21.15 37.17 -8.88
C ASN A 349 20.42 36.31 -7.86
N ASN A 350 19.11 36.47 -7.81
CA ASN A 350 18.30 35.93 -6.72
C ASN A 350 17.82 34.46 -6.87
N ILE A 351 18.24 33.77 -7.93
CA ILE A 351 17.89 32.36 -8.12
C ILE A 351 19.10 31.50 -7.84
N PHE A 352 18.86 30.32 -7.28
CA PHE A 352 19.89 29.32 -7.01
C PHE A 352 19.41 27.94 -7.47
N ALA A 353 20.32 27.18 -8.08
CA ALA A 353 20.02 25.84 -8.54
C ALA A 353 20.92 24.81 -7.86
N ILE A 354 20.30 23.78 -7.28
CA ILE A 354 21.05 22.69 -6.67
C ILE A 354 20.41 21.37 -7.02
N GLY A 355 21.23 20.31 -7.08
CA GLY A 355 20.75 18.96 -7.38
C GLY A 355 20.81 18.69 -8.87
N ASP A 356 20.06 17.69 -9.32
CA ASP A 356 20.15 17.21 -10.71
C ASP A 356 19.65 18.23 -11.76
N ASN A 357 19.03 19.32 -11.33
CA ASN A 357 18.64 20.37 -12.26
C ASN A 357 19.77 21.39 -12.42
N ALA A 358 20.78 21.26 -11.57
CA ALA A 358 21.93 22.14 -11.58
C ALA A 358 23.12 21.43 -12.23
N PHE A 359 23.74 22.08 -13.20
CA PHE A 359 24.91 21.51 -13.85
C PHE A 359 26.17 22.05 -13.22
N ALA A 360 26.45 21.64 -11.99
CA ALA A 360 27.65 22.09 -11.26
C ALA A 360 28.88 21.27 -11.64
N GLY A 361 28.91 20.76 -12.87
CA GLY A 361 29.96 19.85 -13.31
C GLY A 361 30.32 18.78 -12.28
N LEU A 362 29.33 18.29 -11.54
CA LEU A 362 29.50 17.18 -10.61
C LEU A 362 28.58 16.03 -11.03
N PRO A 363 28.74 14.84 -10.42
CA PRO A 363 27.83 13.75 -10.78
C PRO A 363 26.45 14.00 -10.22
N PRO A 364 25.39 13.50 -10.90
CA PRO A 364 24.03 13.73 -10.45
C PRO A 364 23.63 12.78 -9.33
N THR A 365 24.33 12.85 -8.21
CA THR A 365 24.04 11.98 -7.08
C THR A 365 23.12 12.74 -6.14
N ALA A 366 22.60 12.02 -5.14
CA ALA A 366 21.89 12.61 -4.01
C ALA A 366 22.91 13.17 -3.03
N GLN A 367 24.03 12.46 -2.93
CA GLN A 367 25.18 12.83 -2.10
C GLN A 367 25.63 14.26 -2.38
N VAL A 368 25.79 14.57 -3.66
CA VAL A 368 26.06 15.92 -4.09
C VAL A 368 25.00 16.85 -3.51
N ALA A 369 23.73 16.61 -3.82
CA ALA A 369 22.67 17.54 -3.43
C ALA A 369 22.55 17.80 -1.91
N HIS A 370 22.79 16.78 -1.10
CA HIS A 370 22.74 16.93 0.37
C HIS A 370 23.88 17.80 0.87
N GLN A 371 24.97 17.84 0.12
CA GLN A 371 26.01 18.83 0.33
C GLN A 371 25.57 20.17 -0.26
N GLU A 372 25.42 20.24 -1.59
CA GLU A 372 24.93 21.45 -2.26
C GLU A 372 23.92 22.28 -1.45
N ALA A 373 23.06 21.61 -0.69
CA ALA A 373 22.09 22.27 0.20
C ALA A 373 22.72 22.80 1.50
N GLU A 374 23.05 21.89 2.43
CA GLU A 374 23.69 22.23 3.71
C GLU A 374 24.58 23.47 3.55
N TYR A 375 25.45 23.44 2.54
CA TYR A 375 26.30 24.58 2.17
C TYR A 375 25.50 25.87 1.99
N LEU A 376 24.59 25.86 1.02
CA LEU A 376 23.80 27.03 0.66
C LEU A 376 22.99 27.58 1.84
N ALA A 377 22.57 26.70 2.73
CA ALA A 377 21.82 27.09 3.94
C ALA A 377 22.70 27.94 4.83
N LYS A 378 23.95 27.49 4.99
CA LYS A 378 24.94 28.24 5.78
C LYS A 378 25.31 29.55 5.10
N ASN A 379 25.49 29.53 3.77
CA ASN A 379 25.51 30.79 3.01
C ASN A 379 24.32 31.66 3.39
N PHE A 380 23.13 31.13 3.20
CA PHE A 380 21.93 31.90 3.48
C PHE A 380 21.91 32.43 4.90
N ASP A 381 22.32 31.61 5.86
CA ASP A 381 22.52 32.06 7.24
C ASP A 381 23.63 33.13 7.30
N LYS A 382 24.69 32.94 6.51
CA LYS A 382 25.82 33.87 6.44
C LYS A 382 25.50 35.16 5.67
N MET A 383 24.26 35.30 5.19
CA MET A 383 23.76 36.56 4.65
C MET A 383 22.87 37.25 5.69
N ALA A 384 23.07 36.90 6.97
CA ALA A 384 22.35 37.52 8.10
C ALA A 384 23.28 38.30 9.04
N GLN A 385 24.51 38.59 8.58
CA GLN A 385 25.43 39.49 9.26
C GLN A 385 26.02 40.48 8.25
N ILE A 386 25.18 40.91 7.30
CA ILE A 386 25.64 41.77 6.20
C ILE A 386 24.46 42.59 5.64
N PRO A 387 24.09 43.71 6.30
CA PRO A 387 22.90 44.48 5.87
C PRO A 387 23.07 45.41 4.65
N ASN A 388 23.67 44.90 3.58
CA ASN A 388 23.75 45.64 2.31
C ASN A 388 22.97 44.95 1.16
N PHE A 389 22.89 43.62 1.20
CA PHE A 389 22.24 42.83 0.14
C PHE A 389 20.84 43.31 -0.28
N GLN A 390 20.09 43.88 0.67
CA GLN A 390 18.74 44.38 0.38
C GLN A 390 18.75 45.82 -0.12
N LYS A 391 19.91 46.46 -0.11
CA LYS A 391 20.09 47.80 -0.69
C LYS A 391 21.00 47.72 -1.92
N ASN A 392 20.77 46.70 -2.75
CA ASN A 392 21.59 46.45 -3.93
C ASN A 392 21.17 47.31 -5.12
N ASP A 398 25.42 41.19 -14.18
CA ASP A 398 26.57 42.10 -14.09
C ASP A 398 27.53 41.67 -12.97
N LYS A 399 28.28 40.59 -13.24
CA LYS A 399 29.21 39.94 -12.27
C LYS A 399 28.76 40.06 -10.79
N ILE A 400 27.51 39.66 -10.55
CA ILE A 400 26.89 39.72 -9.21
C ILE A 400 27.41 38.64 -8.23
N ASP A 401 28.37 37.83 -8.67
CA ASP A 401 29.12 36.95 -7.78
C ASP A 401 30.18 37.70 -6.98
N LEU A 402 30.52 38.90 -7.44
CA LEU A 402 31.48 39.76 -6.73
CA LEU A 402 31.48 39.76 -6.73
C LEU A 402 30.98 40.15 -5.34
C LEU A 402 30.98 40.15 -5.34
N LEU A 403 29.67 40.35 -5.22
CA LEU A 403 29.02 40.62 -3.92
C LEU A 403 29.39 39.63 -2.83
N PHE A 404 29.55 38.37 -3.24
CA PHE A 404 29.92 37.29 -2.34
C PHE A 404 31.44 37.22 -2.18
N GLU A 405 32.17 37.41 -3.28
CA GLU A 405 33.65 37.31 -3.28
C GLU A 405 34.32 38.38 -2.41
N GLU A 406 33.86 39.63 -2.52
CA GLU A 406 34.37 40.75 -1.71
C GLU A 406 33.99 40.62 -0.23
N ASN A 407 32.81 40.08 0.04
CA ASN A 407 32.44 39.71 1.40
C ASN A 407 33.36 38.65 1.98
N ASN A 408 34.00 37.89 1.09
CA ASN A 408 34.83 36.73 1.44
C ASN A 408 33.95 35.54 1.83
N PHE A 409 33.22 35.05 0.82
CA PHE A 409 32.39 33.85 0.93
C PHE A 409 33.19 32.62 0.53
N LYS A 410 33.23 31.62 1.43
CA LYS A 410 33.86 30.35 1.12
C LYS A 410 33.01 29.73 0.02
N PRO A 411 33.62 29.35 -1.11
CA PRO A 411 32.85 28.68 -2.16
C PRO A 411 32.48 27.24 -1.77
N PHE A 412 31.81 26.53 -2.68
CA PHE A 412 31.40 25.14 -2.43
C PHE A 412 32.41 24.13 -2.98
N LYS A 413 32.75 23.14 -2.15
CA LYS A 413 33.63 22.04 -2.54
C LYS A 413 33.01 20.69 -2.12
N TYR A 414 33.08 19.70 -3.00
CA TYR A 414 32.45 18.41 -2.76
C TYR A 414 33.37 17.44 -2.01
N ASN A 415 33.00 17.12 -0.78
CA ASN A 415 33.71 16.13 0.04
C ASN A 415 33.22 14.71 -0.27
N ASP A 416 33.68 14.15 -1.39
CA ASP A 416 33.16 12.87 -1.88
C ASP A 416 33.30 11.79 -0.84
N LEU A 417 32.18 11.41 -0.25
CA LEU A 417 32.11 10.36 0.76
C LEU A 417 32.08 8.91 0.24
N GLY A 418 31.99 8.68 -1.06
CA GLY A 418 32.15 7.32 -1.59
C GLY A 418 31.31 6.76 -2.71
N ALA A 419 30.77 5.55 -2.48
CA ALA A 419 29.98 4.79 -3.46
C ALA A 419 29.49 3.44 -2.87
N LEU A 420 28.16 3.24 -2.84
CA LEU A 420 27.54 1.98 -2.34
C LEU A 420 26.65 1.32 -3.39
N ALA A 421 26.48 0.00 -3.30
CA ALA A 421 25.66 -0.75 -4.25
C ALA A 421 25.35 -2.18 -3.79
N TYR A 422 24.09 -2.47 -3.48
CA TYR A 422 23.67 -3.86 -3.20
C TYR A 422 23.58 -4.68 -4.50
N LEU A 423 23.81 -5.99 -4.42
CA LEU A 423 24.02 -6.85 -5.60
C LEU A 423 23.07 -8.03 -5.75
N GLY A 424 22.38 -8.37 -4.68
CA GLY A 424 21.52 -9.54 -4.66
C GLY A 424 22.09 -10.60 -3.72
N SER A 425 21.23 -11.52 -3.32
CA SER A 425 21.63 -12.70 -2.57
C SER A 425 22.63 -12.33 -1.49
N GLU A 426 22.22 -11.40 -0.64
CA GLU A 426 22.93 -11.04 0.57
C GLU A 426 24.32 -10.38 0.41
N ARG A 427 24.72 -10.03 -0.82
CA ARG A 427 26.04 -9.43 -1.02
C ARG A 427 25.98 -7.96 -1.37
N ALA A 428 27.12 -7.27 -1.18
CA ALA A 428 27.23 -5.83 -1.40
C ALA A 428 28.65 -5.39 -1.73
N ILE A 429 28.80 -4.28 -2.43
CA ILE A 429 30.09 -3.64 -2.61
C ILE A 429 30.04 -2.22 -2.08
N ALA A 430 31.16 -1.74 -1.54
CA ALA A 430 31.23 -0.44 -0.85
C ALA A 430 32.59 0.24 -1.02
N THR A 431 32.68 1.49 -0.59
CA THR A 431 33.90 2.30 -0.72
C THR A 431 33.65 3.64 -0.05
N ILE A 432 33.91 3.69 1.26
CA ILE A 432 33.85 4.94 2.01
C ILE A 432 35.16 5.70 1.79
N ARG A 433 35.10 7.03 1.74
CA ARG A 433 36.31 7.86 1.68
C ARG A 433 36.05 9.29 2.15
N SER A 434 37.10 10.10 2.19
CA SER A 434 36.96 11.55 2.28
C SER A 434 38.21 12.20 1.68
N GLY A 435 38.01 13.12 0.73
CA GLY A 435 39.11 13.70 -0.04
C GLY A 435 39.85 12.58 -0.76
N LYS A 436 40.99 12.17 -0.20
CA LYS A 436 41.66 10.93 -0.59
C LYS A 436 41.54 9.85 0.48
N ARG A 437 41.68 10.24 1.75
CA ARG A 437 41.78 9.29 2.88
C ARG A 437 40.69 8.22 2.93
N THR A 438 40.90 7.15 2.18
CA THR A 438 39.90 6.09 2.02
C THR A 438 39.83 5.21 3.25
N PHE A 439 38.77 5.40 4.03
CA PHE A 439 38.48 4.55 5.17
C PHE A 439 38.46 3.07 4.80
N TYR A 440 37.82 2.73 3.68
CA TYR A 440 37.44 1.33 3.43
C TYR A 440 37.11 1.05 1.96
N THR A 441 37.04 -0.24 1.61
CA THR A 441 36.48 -0.68 0.34
C THR A 441 36.30 -2.22 0.30
N GLY A 442 35.07 -2.68 0.53
CA GLY A 442 34.70 -4.13 0.49
C GLY A 442 34.02 -4.56 -0.81
N GLY A 443 33.47 -5.77 -0.87
CA GLY A 443 33.45 -6.76 0.22
C GLY A 443 32.33 -7.78 -0.01
N GLY A 444 31.85 -8.42 1.06
CA GLY A 444 30.85 -9.50 0.94
C GLY A 444 29.72 -9.35 1.94
N LEU A 445 29.28 -10.48 2.53
CA LEU A 445 28.19 -10.48 3.51
C LEU A 445 28.41 -9.47 4.64
N MET A 446 29.67 -9.17 4.93
CA MET A 446 29.98 -8.13 5.91
C MET A 446 29.58 -6.76 5.39
N THR A 447 29.87 -6.50 4.12
CA THR A 447 29.54 -5.22 3.49
C THR A 447 28.03 -5.00 3.42
N PHE A 448 27.28 -6.03 3.07
CA PHE A 448 25.83 -5.95 3.06
C PHE A 448 25.34 -5.39 4.38
N TYR A 449 25.93 -5.83 5.48
CA TYR A 449 25.53 -5.39 6.83
C TYR A 449 25.89 -3.93 7.06
N LEU A 450 27.13 -3.57 6.78
CA LEU A 450 27.56 -2.16 6.81
C LEU A 450 26.64 -1.31 5.95
N TRP A 451 26.48 -1.74 4.69
CA TRP A 451 25.63 -1.09 3.68
C TRP A 451 24.26 -0.81 4.26
N ARG A 452 23.62 -1.84 4.80
CA ARG A 452 22.37 -1.67 5.52
C ARG A 452 22.52 -0.54 6.53
N ILE A 453 23.55 -0.66 7.38
CA ILE A 453 23.81 0.32 8.44
C ILE A 453 24.02 1.73 7.90
N LEU A 454 24.86 1.87 6.88
CA LEU A 454 25.09 3.19 6.27
C LEU A 454 23.77 3.78 5.80
N TYR A 455 23.06 3.05 4.92
CA TYR A 455 21.75 3.50 4.43
C TYR A 455 20.84 3.86 5.62
N LEU A 456 20.56 2.89 6.49
CA LEU A 456 19.72 3.14 7.67
C LEU A 456 20.08 4.40 8.43
N SER A 457 21.35 4.79 8.41
CA SER A 457 21.79 6.04 9.04
C SER A 457 21.42 7.26 8.21
N MET A 458 21.61 7.15 6.89
CA MET A 458 21.43 8.28 5.96
C MET A 458 19.97 8.63 5.70
N ILE A 459 19.06 7.73 6.08
CA ILE A 459 17.64 8.02 6.11
C ILE A 459 17.36 9.34 6.86
N LEU A 460 16.42 10.13 6.37
CA LEU A 460 16.20 11.47 6.90
C LEU A 460 15.19 11.59 8.02
N SER A 461 14.40 10.55 8.30
CA SER A 461 13.43 10.65 9.39
C SER A 461 13.40 9.41 10.27
N ALA A 462 13.09 9.64 11.54
CA ALA A 462 12.89 8.55 12.47
C ALA A 462 11.92 7.53 11.87
N ARG A 463 10.72 8.00 11.52
CA ARG A 463 9.61 7.14 11.07
C ARG A 463 9.98 6.27 9.88
N SER A 464 10.60 6.88 8.88
CA SER A 464 11.13 6.14 7.74
C SER A 464 12.02 5.05 8.30
N ARG A 465 13.00 5.45 9.10
CA ARG A 465 14.00 4.51 9.61
C ARG A 465 13.35 3.29 10.25
N LEU A 466 12.57 3.55 11.29
CA LEU A 466 11.89 2.48 12.01
C LEU A 466 11.17 1.59 11.04
N LYS A 467 10.33 2.17 10.19
CA LYS A 467 9.56 1.38 9.24
C LYS A 467 10.49 0.53 8.35
N VAL A 468 11.58 1.12 7.89
CA VAL A 468 12.56 0.36 7.10
C VAL A 468 13.20 -0.72 7.96
N PHE A 469 13.48 -0.38 9.22
CA PHE A 469 14.08 -1.34 10.14
C PHE A 469 13.17 -2.54 10.45
N PHE A 470 11.88 -2.30 10.64
CA PHE A 470 10.91 -3.40 10.83
C PHE A 470 10.63 -4.15 9.53
N ASP A 471 10.79 -3.47 8.40
CA ASP A 471 10.70 -4.16 7.12
C ASP A 471 11.73 -5.29 7.08
N TRP A 472 13.00 -4.95 7.29
CA TRP A 472 14.08 -5.93 7.18
C TRP A 472 13.94 -7.09 8.18
N ILE A 473 13.57 -6.77 9.41
CA ILE A 473 13.32 -7.80 10.41
C ILE A 473 12.28 -8.77 9.85
N LYS A 474 11.10 -8.25 9.52
CA LYS A 474 10.00 -9.08 8.99
C LYS A 474 10.46 -9.96 7.83
N LEU A 475 11.41 -9.46 7.03
CA LEU A 475 11.97 -10.18 5.88
C LEU A 475 12.77 -11.40 6.29
N ALA A 476 13.61 -11.26 7.31
CA ALA A 476 14.34 -12.40 7.87
C ALA A 476 13.37 -13.46 8.39
N PHE A 477 12.41 -13.04 9.20
CA PHE A 477 11.39 -13.96 9.67
C PHE A 477 10.52 -14.49 8.53
N PHE A 478 9.94 -13.60 7.73
CA PHE A 478 8.95 -13.99 6.72
C PHE A 478 9.36 -13.58 5.30
N LYS A 479 8.59 -14.04 4.33
CA LYS A 479 8.82 -13.72 2.91
C LYS A 479 8.81 -12.19 2.64
N ARG A 480 8.68 -11.83 1.37
CA ARG A 480 8.34 -10.47 0.96
C ARG A 480 6.85 -10.37 0.66
N ASP A 481 6.37 -9.13 0.49
CA ASP A 481 4.94 -8.86 0.30
C ASP A 481 4.63 -8.42 -1.13
N PHE A 482 4.24 -9.37 -1.97
CA PHE A 482 4.07 -9.11 -3.38
C PHE A 482 2.59 -9.06 -3.74
N PHE A 483 1.85 -8.15 -3.13
CA PHE A 483 0.44 -7.96 -3.49
C PHE A 483 0.36 -7.04 -4.69
N LYS A 484 -0.46 -7.40 -5.69
CA LYS A 484 -0.58 -6.59 -6.91
C LYS A 484 -1.65 -5.50 -6.85
N GLY A 485 -2.26 -5.32 -5.70
CA GLY A 485 -3.21 -4.22 -5.51
C GLY A 485 -2.89 -3.39 -4.30
N LEU A 486 -1.72 -3.63 -3.71
CA LEU A 486 -1.28 -2.93 -2.50
C LEU A 486 0.21 -2.66 -2.54
N THR B 1 -15.55 -29.82 -15.76
CA THR B 1 -14.16 -30.04 -16.29
C THR B 1 -13.09 -29.67 -15.22
N GLY B 2 -12.59 -28.44 -15.28
CA GLY B 2 -11.60 -27.94 -14.32
C GLY B 2 -10.20 -28.44 -14.58
N VAL B 3 -9.82 -28.51 -15.87
CA VAL B 3 -8.58 -29.19 -16.33
C VAL B 3 -7.37 -28.22 -16.54
N GLU B 4 -6.27 -28.76 -17.07
CA GLU B 4 -5.11 -27.97 -17.47
C GLU B 4 -5.44 -26.84 -18.42
N ASN B 5 -4.59 -25.82 -18.37
CA ASN B 5 -4.56 -24.77 -19.38
C ASN B 5 -5.96 -24.26 -19.77
N SER B 6 -6.59 -23.60 -18.79
CA SER B 6 -7.84 -22.88 -19.00
C SER B 6 -7.54 -21.39 -18.73
N GLY B 7 -8.55 -20.65 -18.27
CA GLY B 7 -8.37 -19.27 -17.81
C GLY B 7 -9.49 -18.88 -16.83
N ALA B 8 -9.13 -18.74 -15.54
CA ALA B 8 -10.09 -18.40 -14.48
C ALA B 8 -9.72 -17.08 -13.81
N GLY B 9 -9.00 -17.15 -12.69
CA GLY B 9 -8.18 -16.05 -12.24
C GLY B 9 -6.75 -16.56 -12.30
N PRO B 10 -5.83 -15.71 -12.74
CA PRO B 10 -4.52 -16.23 -13.05
C PRO B 10 -3.70 -16.95 -11.96
N THR B 11 -4.00 -16.75 -10.68
CA THR B 11 -3.32 -17.59 -9.66
C THR B 11 -3.99 -18.98 -9.54
N SER B 12 -4.59 -19.45 -10.64
CA SER B 12 -4.95 -20.86 -10.77
C SER B 12 -3.68 -21.70 -10.74
N PHE B 13 -3.13 -21.87 -9.53
CA PHE B 13 -1.86 -22.58 -9.35
C PHE B 13 -2.09 -23.90 -8.62
N LYS B 14 -1.29 -24.90 -8.96
CA LYS B 14 -1.32 -26.18 -8.29
C LYS B 14 0.01 -26.44 -7.57
N THR B 15 -0.07 -26.89 -6.33
CA THR B 15 1.10 -27.19 -5.52
C THR B 15 1.27 -28.71 -5.37
N MET B 16 2.20 -29.28 -6.15
CA MET B 16 2.40 -30.74 -6.19
C MET B 16 3.18 -31.22 -4.96
N LYS B 17 2.45 -31.42 -3.86
CA LYS B 17 3.06 -31.76 -2.55
C LYS B 17 3.49 -33.23 -2.41
N VAL B 18 2.51 -34.13 -2.22
CA VAL B 18 2.80 -35.57 -2.06
C VAL B 18 2.81 -36.26 -3.43
N ILE B 19 2.77 -37.58 -3.47
CA ILE B 19 2.73 -38.33 -4.74
C ILE B 19 1.44 -39.16 -4.85
N ASP B 20 0.50 -38.69 -5.69
CA ASP B 20 -0.81 -39.34 -5.87
C ASP B 20 -0.81 -40.22 -7.13
N PRO B 21 -1.92 -40.97 -7.38
CA PRO B 21 -2.15 -41.58 -8.70
C PRO B 21 -3.00 -40.72 -9.63
N GLN B 22 -3.04 -41.08 -10.91
CA GLN B 22 -3.90 -40.41 -11.91
C GLN B 22 -5.34 -40.95 -11.84
N HIS B 23 -5.47 -42.25 -11.55
CA HIS B 23 -6.77 -42.84 -11.16
C HIS B 23 -7.18 -42.28 -9.78
N SER B 24 -8.25 -41.47 -9.77
CA SER B 24 -8.65 -40.65 -8.61
C SER B 24 -8.86 -41.43 -7.30
N ASP B 25 -7.90 -41.29 -6.39
CA ASP B 25 -7.82 -42.10 -5.17
C ASP B 25 -8.59 -41.51 -3.97
N LYS B 26 -8.77 -40.19 -3.96
CA LYS B 26 -9.39 -39.47 -2.85
C LYS B 26 -10.66 -38.74 -3.30
N PRO B 27 -11.54 -38.35 -2.35
CA PRO B 27 -12.64 -37.48 -2.76
C PRO B 27 -12.14 -36.06 -3.02
N ASN B 28 -12.63 -35.45 -4.10
CA ASN B 28 -12.33 -34.06 -4.40
C ASN B 28 -13.27 -33.14 -3.65
N VAL B 29 -12.74 -32.53 -2.58
CA VAL B 29 -13.44 -31.50 -1.84
C VAL B 29 -13.04 -30.14 -2.41
N LEU B 30 -14.04 -29.29 -2.62
CA LEU B 30 -13.88 -27.99 -3.25
C LEU B 30 -14.43 -26.96 -2.28
N ILE B 31 -13.59 -26.02 -1.87
CA ILE B 31 -14.00 -24.99 -0.92
C ILE B 31 -14.36 -23.71 -1.68
N LEU B 32 -15.40 -23.00 -1.25
CA LEU B 32 -15.74 -21.75 -1.91
C LEU B 32 -15.48 -20.57 -0.97
N GLY B 33 -14.49 -19.75 -1.32
CA GLY B 33 -14.11 -18.59 -0.53
C GLY B 33 -12.66 -18.69 -0.06
N SER B 34 -12.19 -17.63 0.62
CA SER B 34 -10.88 -17.61 1.29
C SER B 34 -10.92 -16.78 2.58
N GLY B 35 -12.07 -16.78 3.23
CA GLY B 35 -12.27 -16.02 4.45
C GLY B 35 -12.23 -16.90 5.68
N TRP B 36 -13.00 -16.53 6.69
CA TRP B 36 -12.99 -17.27 7.94
C TRP B 36 -13.30 -18.75 7.75
N GLY B 37 -14.44 -19.04 7.12
CA GLY B 37 -14.85 -20.42 6.86
C GLY B 37 -13.77 -21.19 6.15
N ALA B 38 -13.65 -20.95 4.85
CA ALA B 38 -12.69 -21.61 3.97
C ALA B 38 -11.25 -21.72 4.51
N ILE B 39 -10.72 -20.66 5.12
CA ILE B 39 -9.36 -20.74 5.68
C ILE B 39 -9.31 -21.56 6.97
N SER B 40 -10.27 -21.36 7.86
CA SER B 40 -10.40 -22.24 9.01
C SER B 40 -10.59 -23.71 8.56
N PHE B 41 -11.49 -23.96 7.62
CA PHE B 41 -11.76 -25.32 7.14
C PHE B 41 -10.56 -25.95 6.44
N LEU B 42 -9.91 -25.18 5.59
CA LEU B 42 -8.66 -25.63 4.99
C LEU B 42 -7.62 -25.91 6.08
N LYS B 43 -7.44 -24.98 7.02
CA LYS B 43 -6.34 -25.05 7.99
C LYS B 43 -6.19 -26.39 8.71
N HIS B 44 -7.26 -27.19 8.77
CA HIS B 44 -7.23 -28.45 9.53
C HIS B 44 -7.34 -29.70 8.66
N ILE B 45 -8.35 -29.74 7.79
CA ILE B 45 -8.67 -30.93 6.96
C ILE B 45 -7.48 -31.80 6.48
N ASP B 46 -7.66 -33.12 6.56
CA ASP B 46 -6.65 -34.08 6.14
C ASP B 46 -6.52 -34.12 4.61
N THR B 47 -5.42 -33.52 4.13
CA THR B 47 -5.12 -33.42 2.70
C THR B 47 -4.58 -34.72 2.12
N LYS B 48 -4.23 -35.66 3.00
CA LYS B 48 -3.70 -36.97 2.61
C LYS B 48 -4.86 -37.84 2.14
N LYS B 49 -5.99 -37.68 2.81
CA LYS B 49 -7.19 -38.43 2.47
C LYS B 49 -8.14 -37.67 1.52
N TYR B 50 -8.01 -36.34 1.45
CA TYR B 50 -8.84 -35.50 0.56
C TYR B 50 -8.03 -34.63 -0.41
N ASN B 51 -8.63 -34.35 -1.56
CA ASN B 51 -8.00 -33.47 -2.58
C ASN B 51 -8.65 -32.08 -2.59
N VAL B 52 -8.12 -31.22 -1.73
CA VAL B 52 -8.69 -29.91 -1.47
C VAL B 52 -8.50 -28.99 -2.67
N SER B 53 -9.59 -28.36 -3.08
CA SER B 53 -9.57 -27.28 -4.07
C SER B 53 -10.28 -26.09 -3.47
N ILE B 54 -9.81 -24.89 -3.82
CA ILE B 54 -10.34 -23.63 -3.29
C ILE B 54 -10.73 -22.71 -4.44
N ILE B 55 -11.91 -22.10 -4.37
CA ILE B 55 -12.28 -21.08 -5.34
C ILE B 55 -12.58 -19.77 -4.61
N SER B 56 -11.70 -18.80 -4.83
CA SER B 56 -11.84 -17.48 -4.23
C SER B 56 -11.47 -16.42 -5.27
N PRO B 57 -12.31 -15.37 -5.41
CA PRO B 57 -11.93 -14.24 -6.23
C PRO B 57 -10.78 -13.52 -5.56
N ARG B 58 -10.85 -13.44 -4.24
CA ARG B 58 -9.79 -12.87 -3.42
C ARG B 58 -8.70 -13.89 -3.17
N SER B 59 -7.45 -13.48 -3.23
CA SER B 59 -6.32 -14.41 -3.10
C SER B 59 -5.58 -14.29 -1.78
N TYR B 60 -6.21 -13.64 -0.81
CA TYR B 60 -5.64 -13.47 0.50
C TYR B 60 -6.78 -13.75 1.43
N PHE B 61 -6.49 -13.74 2.71
CA PHE B 61 -7.49 -13.97 3.73
C PHE B 61 -7.52 -12.70 4.56
N LEU B 62 -8.71 -12.34 5.03
CA LEU B 62 -8.89 -11.04 5.64
C LEU B 62 -9.18 -11.20 7.13
N PHE B 63 -8.26 -10.72 7.98
CA PHE B 63 -8.52 -10.66 9.42
C PHE B 63 -9.50 -9.56 9.77
N THR B 64 -10.75 -9.79 9.37
CA THR B 64 -11.82 -8.80 9.43
C THR B 64 -11.90 -7.91 10.69
N PRO B 65 -11.54 -8.43 11.89
CA PRO B 65 -11.73 -7.60 13.08
C PRO B 65 -10.80 -6.39 13.21
N LEU B 66 -9.77 -6.29 12.39
CA LEU B 66 -8.93 -5.08 12.42
C LEU B 66 -9.07 -4.20 11.18
N LEU B 67 -10.02 -4.54 10.31
CA LEU B 67 -10.32 -3.75 9.12
C LEU B 67 -10.66 -2.28 9.39
N PRO B 68 -11.45 -2.00 10.46
CA PRO B 68 -11.82 -0.61 10.72
C PRO B 68 -10.66 0.28 11.14
N SER B 69 -9.51 -0.34 11.40
CA SER B 69 -8.30 0.36 11.79
C SER B 69 -7.38 0.64 10.59
N ALA B 70 -7.77 0.14 9.44
CA ALA B 70 -6.99 0.31 8.22
C ALA B 70 -7.11 1.71 7.59
N PRO B 71 -8.34 2.22 7.43
CA PRO B 71 -8.52 3.49 6.73
C PRO B 71 -7.63 4.61 7.25
N VAL B 72 -7.57 4.75 8.58
CA VAL B 72 -6.73 5.80 9.18
C VAL B 72 -5.32 5.34 9.29
N GLY B 73 -5.10 4.05 9.09
CA GLY B 73 -3.75 3.49 9.13
C GLY B 73 -3.25 3.35 10.55
N THR B 74 -4.14 2.95 11.46
CA THR B 74 -3.75 2.42 12.76
C THR B 74 -3.05 1.11 12.43
N VAL B 75 -3.53 0.48 11.35
CA VAL B 75 -2.95 -0.73 10.81
C VAL B 75 -2.85 -0.62 9.29
N ASP B 76 -1.77 -1.12 8.69
CA ASP B 76 -1.65 -1.11 7.23
C ASP B 76 -2.46 -2.25 6.66
N GLU B 77 -3.00 -2.05 5.47
CA GLU B 77 -3.90 -3.02 4.84
C GLU B 77 -3.17 -4.35 4.60
N LYS B 78 -1.85 -4.28 4.39
CA LYS B 78 -1.04 -5.47 4.20
C LYS B 78 -0.90 -6.21 5.53
N SER B 79 -0.56 -5.43 6.56
CA SER B 79 -0.39 -5.92 7.94
C SER B 79 -1.49 -6.84 8.46
N ILE B 80 -2.61 -6.96 7.75
CA ILE B 80 -3.69 -7.84 8.20
C ILE B 80 -4.26 -8.76 7.14
N ILE B 81 -3.55 -8.95 6.03
CA ILE B 81 -3.96 -9.94 5.04
C ILE B 81 -2.90 -11.01 4.88
N GLU B 82 -3.34 -12.20 4.48
CA GLU B 82 -2.46 -13.33 4.27
C GLU B 82 -2.87 -14.00 2.98
N PRO B 83 -1.91 -14.37 2.14
CA PRO B 83 -2.25 -15.17 0.97
C PRO B 83 -2.69 -16.58 1.33
N ILE B 84 -3.59 -17.12 0.52
CA ILE B 84 -4.09 -18.48 0.68
C ILE B 84 -2.91 -19.43 0.66
N VAL B 85 -2.08 -19.26 -0.37
CA VAL B 85 -0.80 -19.96 -0.56
C VAL B 85 -0.08 -20.37 0.74
N ASN B 86 0.17 -19.42 1.62
CA ASN B 86 0.86 -19.72 2.87
C ASN B 86 0.17 -20.73 3.80
N PHE B 87 -1.16 -20.79 3.73
CA PHE B 87 -1.91 -21.78 4.49
C PHE B 87 -1.84 -23.15 3.83
N ALA B 88 -1.56 -23.17 2.53
CA ALA B 88 -1.46 -24.42 1.74
C ALA B 88 -0.06 -25.05 1.83
N LEU B 89 0.97 -24.23 2.01
CA LEU B 89 2.32 -24.70 2.37
C LEU B 89 2.30 -25.31 3.78
N LYS B 90 1.15 -25.28 4.44
CA LYS B 90 0.99 -25.90 5.74
C LYS B 90 0.05 -27.11 5.70
N LYS B 91 -0.32 -27.51 4.48
CA LYS B 91 -1.11 -28.73 4.27
C LYS B 91 -0.18 -29.79 3.69
N LYS B 92 -0.24 -30.99 4.26
CA LYS B 92 0.66 -32.07 3.90
C LYS B 92 0.47 -32.48 2.43
N GLY B 93 -0.76 -32.81 2.07
CA GLY B 93 -1.09 -33.20 0.68
C GLY B 93 -1.32 -32.07 -0.31
N ASN B 94 -2.17 -32.36 -1.31
CA ASN B 94 -2.34 -31.51 -2.49
C ASN B 94 -3.48 -30.50 -2.41
N VAL B 95 -3.19 -29.27 -2.86
CA VAL B 95 -4.19 -28.21 -2.91
C VAL B 95 -4.19 -27.55 -4.29
N THR B 96 -5.29 -26.89 -4.62
CA THR B 96 -5.34 -26.02 -5.78
C THR B 96 -6.29 -24.85 -5.59
N TYR B 97 -5.75 -23.65 -5.80
CA TYR B 97 -6.50 -22.42 -5.75
C TYR B 97 -6.78 -21.95 -7.16
N TYR B 98 -8.05 -21.84 -7.52
CA TYR B 98 -8.46 -21.06 -8.69
C TYR B 98 -8.79 -19.65 -8.19
N GLU B 99 -8.23 -18.61 -8.81
CA GLU B 99 -8.57 -17.24 -8.41
C GLU B 99 -9.78 -16.76 -9.22
N ALA B 100 -10.95 -17.36 -8.98
CA ALA B 100 -12.18 -16.94 -9.70
C ALA B 100 -13.34 -16.82 -8.72
N GLU B 101 -14.57 -16.70 -9.23
CA GLU B 101 -15.73 -16.73 -8.34
C GLU B 101 -16.80 -17.75 -8.79
N ALA B 102 -17.35 -18.46 -7.80
CA ALA B 102 -18.56 -19.23 -8.00
C ALA B 102 -19.60 -18.30 -8.62
N THR B 103 -20.42 -18.84 -9.50
CA THR B 103 -21.52 -18.07 -10.06
C THR B 103 -22.81 -18.85 -9.86
N SER B 104 -23.03 -19.87 -10.68
CA SER B 104 -24.11 -20.79 -10.41
C SER B 104 -23.46 -22.04 -9.85
N ILE B 105 -23.90 -22.49 -8.69
CA ILE B 105 -23.56 -23.83 -8.24
C ILE B 105 -24.60 -24.75 -8.85
N ASN B 106 -24.15 -25.86 -9.40
CA ASN B 106 -25.00 -26.82 -10.11
C ASN B 106 -25.05 -28.11 -9.31
N PRO B 107 -26.00 -28.20 -8.36
CA PRO B 107 -25.91 -29.19 -7.28
C PRO B 107 -25.90 -30.64 -7.76
N ASP B 108 -26.68 -30.92 -8.80
CA ASP B 108 -26.94 -32.27 -9.29
C ASP B 108 -26.08 -32.62 -10.50
N ARG B 109 -25.82 -31.65 -11.37
CA ARG B 109 -24.80 -31.82 -12.41
C ARG B 109 -23.40 -31.87 -11.76
N ASN B 110 -23.34 -31.39 -10.51
CA ASN B 110 -22.22 -31.59 -9.56
C ASN B 110 -20.92 -30.81 -9.85
N THR B 111 -21.10 -29.55 -10.23
CA THR B 111 -19.99 -28.59 -10.38
C THR B 111 -20.34 -27.21 -9.82
N VAL B 112 -19.29 -26.45 -9.49
CA VAL B 112 -19.38 -25.02 -9.25
C VAL B 112 -18.87 -24.36 -10.51
N THR B 113 -19.63 -23.38 -11.03
CA THR B 113 -19.25 -22.69 -12.25
C THR B 113 -18.44 -21.46 -11.91
N ILE B 114 -17.16 -21.49 -12.27
CA ILE B 114 -16.30 -20.34 -12.11
C ILE B 114 -16.24 -19.61 -13.45
N LYS B 115 -16.69 -18.36 -13.43
CA LYS B 115 -16.41 -17.42 -14.49
C LYS B 115 -15.81 -16.22 -13.75
N SER B 116 -14.62 -15.80 -14.17
CA SER B 116 -13.86 -14.76 -13.47
C SER B 116 -14.06 -13.40 -14.15
N LEU B 117 -13.11 -12.48 -14.02
CA LEU B 117 -12.96 -11.35 -14.97
C LEU B 117 -11.49 -11.31 -15.45
N SER B 118 -10.86 -12.48 -15.43
CA SER B 118 -9.43 -12.64 -15.69
C SER B 118 -9.16 -14.00 -16.40
N ALA B 119 -9.95 -14.28 -17.45
CA ALA B 119 -9.86 -15.54 -18.20
C ALA B 119 -8.60 -15.61 -19.07
N PRO B 137 -17.66 -26.31 -20.39
CA PRO B 137 -16.93 -25.62 -19.33
C PRO B 137 -17.60 -24.27 -19.00
N ALA B 138 -16.99 -23.35 -18.22
CA ALA B 138 -15.71 -23.52 -17.49
C ALA B 138 -15.97 -23.88 -16.02
N GLU B 139 -16.45 -25.11 -15.81
CA GLU B 139 -16.96 -25.58 -14.51
C GLU B 139 -15.92 -26.43 -13.77
N ILE B 140 -16.16 -26.67 -12.49
CA ILE B 140 -15.28 -27.52 -11.68
C ILE B 140 -16.02 -28.66 -10.97
N LYS B 141 -15.77 -29.89 -11.43
CA LYS B 141 -16.26 -31.11 -10.74
C LYS B 141 -15.94 -31.12 -9.22
N TYR B 142 -16.95 -31.47 -8.41
CA TYR B 142 -16.75 -31.63 -6.97
C TYR B 142 -17.39 -32.91 -6.41
N ASP B 143 -16.63 -33.66 -5.62
CA ASP B 143 -17.15 -34.84 -4.90
C ASP B 143 -17.93 -34.36 -3.68
N TYR B 144 -17.29 -33.46 -2.92
CA TYR B 144 -17.94 -32.73 -1.83
C TYR B 144 -17.76 -31.21 -2.06
N LEU B 145 -18.65 -30.41 -1.50
CA LEU B 145 -18.59 -28.96 -1.63
C LEU B 145 -18.63 -28.26 -0.28
N ILE B 146 -17.75 -27.29 -0.08
CA ILE B 146 -17.74 -26.48 1.14
C ILE B 146 -17.99 -25.00 0.79
N SER B 147 -19.17 -24.51 1.14
CA SER B 147 -19.66 -23.25 0.61
C SER B 147 -19.58 -22.15 1.65
N ALA B 148 -18.41 -21.53 1.76
CA ALA B 148 -18.18 -20.42 2.70
C ALA B 148 -17.84 -19.10 1.98
N VAL B 149 -18.76 -18.67 1.11
CA VAL B 149 -18.56 -17.47 0.28
C VAL B 149 -18.80 -16.16 1.02
N GLY B 150 -19.47 -16.24 2.18
CA GLY B 150 -19.76 -15.06 2.99
C GLY B 150 -21.05 -14.41 2.57
N ALA B 151 -21.46 -13.41 3.35
CA ALA B 151 -22.54 -12.53 2.95
C ALA B 151 -21.95 -11.23 2.35
N GLU B 152 -22.72 -10.60 1.47
CA GLU B 152 -22.45 -9.25 0.98
C GLU B 152 -23.36 -8.29 1.71
N PRO B 153 -22.89 -7.04 1.94
CA PRO B 153 -23.60 -6.12 2.84
C PRO B 153 -24.96 -5.61 2.31
N ASN B 154 -25.83 -5.24 3.26
CA ASN B 154 -27.21 -4.95 2.97
C ASN B 154 -27.57 -3.47 3.11
N THR B 155 -28.15 -2.94 2.04
CA THR B 155 -28.60 -1.56 1.96
C THR B 155 -30.06 -1.37 2.38
N PHE B 156 -30.85 -2.45 2.35
CA PHE B 156 -32.29 -2.40 2.69
C PHE B 156 -33.08 -1.62 1.66
N GLY B 157 -32.57 -1.56 0.42
CA GLY B 157 -33.22 -0.79 -0.65
C GLY B 157 -33.28 0.71 -0.40
N ILE B 158 -32.77 1.14 0.75
CA ILE B 158 -32.59 2.54 1.10
C ILE B 158 -31.80 3.23 0.00
N PRO B 159 -32.49 4.00 -0.86
CA PRO B 159 -31.80 4.50 -2.03
C PRO B 159 -30.70 5.49 -1.66
N GLY B 160 -29.63 5.49 -2.45
CA GLY B 160 -28.52 6.40 -2.26
C GLY B 160 -27.28 5.71 -1.74
N VAL B 161 -27.44 4.73 -0.87
CA VAL B 161 -26.28 3.95 -0.44
C VAL B 161 -25.70 3.45 -1.75
N THR B 162 -24.46 2.98 -1.76
CA THR B 162 -23.88 2.38 -2.99
C THR B 162 -23.79 3.19 -4.26
N ASP B 163 -24.48 4.33 -4.30
CA ASP B 163 -24.21 5.52 -5.10
C ASP B 163 -23.25 6.44 -4.34
N TYR B 164 -23.56 6.70 -3.07
CA TYR B 164 -22.83 7.67 -2.28
C TYR B 164 -22.20 7.12 -1.01
N GLY B 165 -22.43 5.84 -0.69
CA GLY B 165 -21.90 5.24 0.55
C GLY B 165 -20.59 4.47 0.36
N HIS B 166 -19.91 4.20 1.48
CA HIS B 166 -18.82 3.23 1.49
C HIS B 166 -19.05 2.07 2.47
N PHE B 167 -19.12 0.85 1.93
CA PHE B 167 -19.15 -0.37 2.73
C PHE B 167 -17.81 -0.58 3.39
N LEU B 168 -17.81 -0.94 4.67
CA LEU B 168 -16.57 -1.28 5.35
C LEU B 168 -16.45 -2.78 5.41
N LYS B 169 -16.14 -3.39 4.28
CA LYS B 169 -16.23 -4.85 4.14
C LYS B 169 -14.87 -5.48 3.88
N GLU B 170 -14.14 -4.92 2.91
CA GLU B 170 -13.01 -5.58 2.28
C GLU B 170 -11.86 -4.60 2.11
N ILE B 171 -10.68 -5.07 1.75
CA ILE B 171 -9.50 -4.19 1.77
C ILE B 171 -9.68 -2.93 0.92
N PRO B 172 -10.14 -3.07 -0.33
CA PRO B 172 -10.43 -1.91 -1.16
C PRO B 172 -11.36 -0.92 -0.50
N ASN B 173 -12.42 -1.42 0.11
CA ASN B 173 -13.29 -0.54 0.82
C ASN B 173 -12.48 0.38 1.73
N SER B 174 -11.53 -0.18 2.48
CA SER B 174 -10.69 0.63 3.38
C SER B 174 -9.89 1.68 2.62
N LEU B 175 -9.36 1.32 1.46
CA LEU B 175 -8.62 2.29 0.66
C LEU B 175 -9.54 3.40 0.12
N GLU B 176 -10.78 3.05 -0.21
CA GLU B 176 -11.72 4.03 -0.74
C GLU B 176 -12.09 5.04 0.31
N ILE B 177 -12.19 4.58 1.55
CA ILE B 177 -12.67 5.44 2.63
C ILE B 177 -11.64 6.52 2.98
N ARG B 178 -10.36 6.16 2.94
CA ARG B 178 -9.32 7.15 3.18
C ARG B 178 -9.33 8.15 2.03
N ARG B 179 -8.96 7.69 0.84
CA ARG B 179 -8.97 8.53 -0.36
C ARG B 179 -10.09 9.57 -0.35
N THR B 180 -11.29 9.16 0.07
CA THR B 180 -12.41 10.08 0.20
C THR B 180 -12.13 11.08 1.30
N PHE B 181 -12.00 10.59 2.52
CA PHE B 181 -11.78 11.49 3.66
C PHE B 181 -10.54 12.40 3.49
N ALA B 182 -9.49 11.86 2.87
CA ALA B 182 -8.31 12.65 2.51
C ALA B 182 -8.71 13.80 1.60
N ALA B 183 -9.42 13.49 0.53
CA ALA B 183 -9.85 14.49 -0.43
C ALA B 183 -10.73 15.58 0.20
N ASN B 184 -11.62 15.20 1.10
CA ASN B 184 -12.40 16.21 1.83
C ASN B 184 -11.53 17.05 2.76
N LEU B 185 -10.66 16.43 3.53
CA LEU B 185 -9.80 17.19 4.41
C LEU B 185 -9.11 18.24 3.56
N GLU B 186 -8.71 17.85 2.36
CA GLU B 186 -8.02 18.75 1.44
C GLU B 186 -8.88 19.93 0.97
N LYS B 187 -9.94 19.62 0.20
CA LYS B 187 -10.89 20.64 -0.27
C LYS B 187 -11.27 21.58 0.86
N ALA B 188 -11.64 20.98 1.99
CA ALA B 188 -12.01 21.70 3.20
C ALA B 188 -10.98 22.75 3.63
N ASN B 189 -9.68 22.44 3.52
CA ASN B 189 -8.69 23.39 3.99
C ASN B 189 -8.41 24.55 3.04
N LEU B 190 -9.20 24.65 1.96
CA LEU B 190 -9.11 25.78 1.01
C LEU B 190 -10.30 26.75 1.17
N LEU B 191 -11.18 26.49 2.12
CA LEU B 191 -12.34 27.33 2.33
C LEU B 191 -12.20 28.11 3.62
N PRO B 192 -12.70 29.35 3.62
CA PRO B 192 -12.58 30.16 4.83
C PRO B 192 -13.30 29.49 6.00
N LYS B 193 -12.66 29.54 7.16
CA LYS B 193 -13.15 28.86 8.37
C LYS B 193 -14.67 28.80 8.51
N GLY B 194 -15.34 29.91 8.25
CA GLY B 194 -16.78 29.98 8.46
C GLY B 194 -17.62 29.08 7.59
N ASP B 195 -17.19 28.90 6.34
CA ASP B 195 -18.04 28.29 5.32
C ASP B 195 -18.69 26.99 5.83
N PRO B 196 -20.03 26.88 5.71
CA PRO B 196 -20.69 25.61 6.05
C PRO B 196 -20.19 24.44 5.23
N GLU B 197 -19.93 24.69 3.95
CA GLU B 197 -19.45 23.65 3.05
C GLU B 197 -18.22 22.97 3.61
N ARG B 198 -17.28 23.78 4.12
CA ARG B 198 -16.10 23.28 4.81
C ARG B 198 -16.56 22.47 6.04
N ARG B 199 -17.53 23.01 6.76
CA ARG B 199 -18.16 22.27 7.86
C ARG B 199 -18.72 20.91 7.41
N ARG B 200 -19.27 20.85 6.20
CA ARG B 200 -19.85 19.60 5.67
C ARG B 200 -18.80 18.58 5.28
N LEU B 201 -17.89 19.00 4.41
CA LEU B 201 -16.79 18.15 3.98
C LEU B 201 -16.22 17.41 5.18
N LEU B 202 -16.05 18.12 6.29
CA LEU B 202 -15.37 17.56 7.47
C LEU B 202 -16.27 16.69 8.38
N SER B 203 -17.54 16.52 8.04
CA SER B 203 -18.44 15.63 8.81
C SER B 203 -18.35 14.19 8.35
N ILE B 204 -18.52 13.26 9.29
CA ILE B 204 -18.49 11.82 9.00
C ILE B 204 -19.75 11.12 9.51
N VAL B 205 -20.42 10.37 8.66
CA VAL B 205 -21.51 9.55 9.15
C VAL B 205 -21.13 8.10 9.02
N VAL B 206 -21.10 7.41 10.16
CA VAL B 206 -21.13 5.96 10.13
C VAL B 206 -22.57 5.53 10.38
N VAL B 207 -23.04 4.57 9.59
CA VAL B 207 -24.37 4.01 9.82
C VAL B 207 -24.17 2.57 10.22
N GLY B 208 -24.41 2.30 11.51
CA GLY B 208 -24.22 0.96 12.08
C GLY B 208 -23.77 0.99 13.54
N GLY B 209 -24.63 0.54 14.45
CA GLY B 209 -24.33 0.54 15.88
C GLY B 209 -23.55 -0.68 16.38
N GLY B 210 -23.36 -1.67 15.52
CA GLY B 210 -22.56 -2.86 15.83
C GLY B 210 -21.10 -2.52 16.08
N PRO B 211 -20.29 -3.55 16.39
CA PRO B 211 -18.87 -3.31 16.71
C PRO B 211 -18.09 -2.63 15.58
N THR B 212 -18.26 -3.12 14.34
CA THR B 212 -17.61 -2.59 13.14
C THR B 212 -17.71 -1.06 13.08
N GLY B 213 -18.95 -0.56 13.02
CA GLY B 213 -19.22 0.87 12.98
C GLY B 213 -18.58 1.61 14.14
N VAL B 214 -18.90 1.19 15.36
CA VAL B 214 -18.36 1.85 16.55
C VAL B 214 -16.84 1.94 16.47
N GLU B 215 -16.23 0.88 15.95
CA GLU B 215 -14.76 0.83 15.83
C GLU B 215 -14.24 1.78 14.75
N ALA B 216 -14.95 1.87 13.63
CA ALA B 216 -14.60 2.82 12.56
C ALA B 216 -14.82 4.23 13.09
N ALA B 217 -16.05 4.50 13.52
CA ALA B 217 -16.38 5.75 14.17
C ALA B 217 -15.24 6.16 15.10
N GLY B 218 -14.90 5.27 16.03
CA GLY B 218 -13.81 5.49 16.97
C GLY B 218 -12.47 5.76 16.32
N GLU B 219 -12.10 4.88 15.38
CA GLU B 219 -10.78 4.93 14.74
C GLU B 219 -10.53 6.19 13.93
N LEU B 220 -11.58 6.71 13.33
CA LEU B 220 -11.50 7.99 12.68
C LEU B 220 -11.22 9.07 13.73
N GLN B 221 -12.12 9.17 14.71
CA GLN B 221 -12.02 10.18 15.76
C GLN B 221 -10.66 10.15 16.43
N ASP B 222 -10.14 8.94 16.64
CA ASP B 222 -8.76 8.74 17.08
C ASP B 222 -7.83 9.54 16.19
N TYR B 223 -7.77 9.18 14.91
CA TYR B 223 -6.90 9.86 13.95
C TYR B 223 -7.03 11.38 14.04
N VAL B 224 -8.27 11.86 14.08
CA VAL B 224 -8.53 13.31 14.03
C VAL B 224 -7.97 14.02 15.28
N HIS B 225 -8.27 13.49 16.46
CA HIS B 225 -7.68 13.98 17.69
C HIS B 225 -6.19 13.71 17.64
N GLN B 226 -5.82 12.43 17.56
CA GLN B 226 -4.43 12.04 17.81
C GLN B 226 -3.44 12.52 16.74
N ASP B 227 -3.85 12.54 15.47
CA ASP B 227 -2.92 12.82 14.36
C ASP B 227 -3.19 14.12 13.63
N LEU B 228 -4.39 14.28 13.07
CA LEU B 228 -4.70 15.42 12.20
C LEU B 228 -4.37 16.74 12.87
N ARG B 229 -4.88 16.93 14.09
CA ARG B 229 -4.74 18.22 14.78
C ARG B 229 -3.27 18.59 14.93
N LYS B 230 -2.42 17.58 15.03
CA LYS B 230 -1.02 17.82 15.30
C LYS B 230 -0.30 18.54 14.14
N PHE B 231 -1.01 18.89 13.07
CA PHE B 231 -0.44 19.76 12.04
C PHE B 231 -1.42 20.59 11.20
N LEU B 232 -2.72 20.39 11.41
CA LEU B 232 -3.74 21.23 10.81
C LEU B 232 -4.93 21.28 11.77
N PRO B 233 -4.73 21.90 12.96
CA PRO B 233 -5.71 21.88 14.03
C PRO B 233 -6.96 22.71 13.68
N ALA B 234 -6.79 23.68 12.79
CA ALA B 234 -7.90 24.43 12.20
C ALA B 234 -8.97 23.51 11.59
N LEU B 235 -8.56 22.36 11.05
CA LEU B 235 -9.51 21.38 10.51
C LEU B 235 -10.05 20.47 11.60
N ALA B 236 -9.15 19.90 12.38
CA ALA B 236 -9.51 18.93 13.42
C ALA B 236 -10.84 19.28 14.07
N GLU B 237 -10.88 20.43 14.73
CA GLU B 237 -12.09 20.97 15.32
C GLU B 237 -13.31 20.68 14.45
N GLU B 238 -13.35 21.27 13.24
CA GLU B 238 -14.56 21.24 12.41
C GLU B 238 -14.93 19.85 11.86
N VAL B 239 -14.08 18.86 12.11
CA VAL B 239 -14.40 17.47 11.83
C VAL B 239 -15.51 17.01 12.78
N GLN B 240 -16.54 16.40 12.22
CA GLN B 240 -17.64 15.87 13.02
C GLN B 240 -17.90 14.43 12.61
N ILE B 241 -18.08 13.55 13.60
CA ILE B 241 -18.33 12.14 13.30
C ILE B 241 -19.60 11.65 13.97
N HIS B 242 -20.69 11.67 13.21
CA HIS B 242 -21.95 11.07 13.63
C HIS B 242 -21.94 9.55 13.43
N LEU B 243 -22.56 8.86 14.38
CA LEU B 243 -22.76 7.42 14.33
C LEU B 243 -24.24 7.17 14.51
N VAL B 244 -24.84 6.45 13.58
CA VAL B 244 -26.29 6.34 13.49
C VAL B 244 -26.72 4.90 13.62
N GLU B 245 -27.65 4.63 14.54
CA GLU B 245 -28.20 3.28 14.78
C GLU B 245 -29.73 3.30 14.96
N ALA B 246 -30.39 2.27 14.42
CA ALA B 246 -31.86 2.16 14.44
C ALA B 246 -32.45 1.79 15.79
N LEU B 247 -31.73 0.94 16.53
CA LEU B 247 -32.23 0.37 17.78
C LEU B 247 -31.97 1.26 19.00
N PRO B 248 -32.66 0.97 20.13
CA PRO B 248 -32.50 1.66 21.42
C PRO B 248 -31.08 1.99 21.86
N ILE B 249 -30.10 1.12 21.57
CA ILE B 249 -28.71 1.35 21.96
C ILE B 249 -27.71 0.59 21.10
N VAL B 250 -26.43 0.97 21.26
CA VAL B 250 -25.32 0.33 20.53
C VAL B 250 -24.83 -0.96 21.18
N LEU B 251 -24.12 -1.78 20.40
CA LEU B 251 -23.42 -2.95 20.92
C LEU B 251 -24.36 -3.90 21.68
N ASN B 252 -25.46 -4.29 21.01
CA ASN B 252 -26.54 -4.99 21.68
C ASN B 252 -26.20 -6.37 22.23
N MET B 253 -25.11 -6.95 21.75
CA MET B 253 -24.68 -8.28 22.21
C MET B 253 -24.03 -8.25 23.60
N PHE B 254 -23.73 -7.04 24.09
CA PHE B 254 -23.17 -6.83 25.42
C PHE B 254 -24.31 -6.55 26.39
N GLU B 255 -24.12 -6.85 27.67
CA GLU B 255 -25.14 -6.57 28.69
C GLU B 255 -25.28 -5.06 28.91
N LYS B 256 -26.52 -4.59 29.06
CA LYS B 256 -26.87 -3.16 29.08
C LYS B 256 -25.87 -2.23 29.78
N LYS B 257 -25.34 -2.64 30.93
CA LYS B 257 -24.44 -1.79 31.70
C LYS B 257 -23.19 -1.33 30.92
N LEU B 258 -22.71 -2.19 30.00
CA LEU B 258 -21.50 -1.92 29.20
C LEU B 258 -21.79 -1.04 27.98
N SER B 259 -22.77 -1.45 27.19
CA SER B 259 -23.23 -0.68 26.04
C SER B 259 -23.39 0.80 26.38
N SER B 260 -23.76 1.08 27.62
CA SER B 260 -23.85 2.47 28.09
C SER B 260 -22.48 3.10 28.26
N TYR B 261 -21.60 2.47 29.05
CA TYR B 261 -20.23 3.02 29.24
C TYR B 261 -19.60 3.41 27.90
N ALA B 262 -19.83 2.55 26.90
CA ALA B 262 -19.36 2.76 25.53
C ALA B 262 -19.99 4.01 24.95
N GLN B 263 -21.32 4.05 24.90
CA GLN B 263 -22.03 5.23 24.46
C GLN B 263 -21.59 6.49 25.26
N SER B 264 -21.25 6.32 26.53
CA SER B 264 -20.63 7.40 27.30
C SER B 264 -19.36 7.82 26.59
N HIS B 265 -18.48 6.84 26.34
CA HIS B 265 -17.13 7.16 25.87
C HIS B 265 -17.03 7.64 24.42
N LEU B 266 -17.98 7.25 23.60
CA LEU B 266 -18.01 7.75 22.23
C LEU B 266 -18.31 9.25 22.28
N GLU B 267 -19.38 9.61 22.98
CA GLU B 267 -19.81 11.02 23.13
C GLU B 267 -18.76 11.84 23.87
N ASN B 268 -18.10 11.22 24.87
CA ASN B 268 -16.93 11.81 25.53
C ASN B 268 -15.88 12.23 24.51
N THR B 269 -15.67 11.40 23.49
CA THR B 269 -14.74 11.72 22.40
C THR B 269 -15.41 12.49 21.24
N SER B 270 -16.39 13.32 21.57
N SER B 270 -16.39 13.32 21.57
CA SER B 270 -17.02 14.24 20.63
CA SER B 270 -16.99 14.25 20.60
C SER B 270 -17.76 13.56 19.48
C SER B 270 -17.79 13.58 19.49
N ILE B 271 -18.17 12.31 19.68
CA ILE B 271 -18.99 11.59 18.69
C ILE B 271 -20.47 11.88 18.93
N LYS B 272 -21.20 12.12 17.84
CA LYS B 272 -22.62 12.49 17.91
C LYS B 272 -23.51 11.26 17.68
N VAL B 273 -23.72 10.47 18.74
CA VAL B 273 -24.44 9.20 18.61
C VAL B 273 -25.92 9.45 18.40
N HIS B 274 -26.51 8.81 17.40
CA HIS B 274 -27.92 8.98 17.07
C HIS B 274 -28.69 7.69 17.28
N LEU B 275 -29.05 7.41 18.53
CA LEU B 275 -29.84 6.22 18.85
C LEU B 275 -31.28 6.31 18.36
N ARG B 276 -31.90 5.15 18.17
CA ARG B 276 -33.30 5.03 17.72
C ARG B 276 -33.55 5.69 16.34
N THR B 277 -32.52 5.69 15.48
CA THR B 277 -32.56 6.48 14.25
C THR B 277 -32.33 5.61 13.01
N ALA B 278 -33.17 5.79 12.00
CA ALA B 278 -33.07 5.00 10.76
C ALA B 278 -32.86 5.89 9.53
N VAL B 279 -31.97 5.50 8.62
CA VAL B 279 -31.70 6.27 7.39
C VAL B 279 -32.73 5.94 6.31
N ALA B 280 -33.62 6.88 6.03
CA ALA B 280 -34.69 6.67 5.04
C ALA B 280 -34.16 6.79 3.62
N LYS B 281 -33.15 7.64 3.44
CA LYS B 281 -32.54 7.79 2.14
C LYS B 281 -31.21 8.56 2.24
N VAL B 282 -30.29 8.23 1.34
CA VAL B 282 -29.03 8.92 1.21
C VAL B 282 -29.04 9.73 -0.08
N GLU B 283 -28.96 11.05 0.06
CA GLU B 283 -28.70 11.94 -1.05
C GLU B 283 -27.20 12.16 -1.07
N GLU B 284 -26.70 12.90 -2.08
CA GLU B 284 -25.26 13.06 -2.27
C GLU B 284 -24.54 13.71 -1.08
N LYS B 285 -25.05 14.83 -0.60
CA LYS B 285 -24.37 15.63 0.44
C LYS B 285 -24.96 15.42 1.84
N GLN B 286 -26.23 15.04 1.90
CA GLN B 286 -26.92 14.80 3.16
C GLN B 286 -27.67 13.47 3.10
N LEU B 287 -27.80 12.81 4.26
CA LEU B 287 -28.62 11.61 4.35
C LEU B 287 -29.79 11.85 5.27
N LEU B 288 -30.97 11.93 4.65
CA LEU B 288 -32.23 12.10 5.34
C LEU B 288 -32.47 11.00 6.37
N ALA B 289 -32.48 11.37 7.65
CA ALA B 289 -32.72 10.43 8.74
C ALA B 289 -34.09 10.66 9.40
N LYS B 290 -34.71 9.56 9.83
CA LYS B 290 -35.90 9.58 10.68
C LYS B 290 -35.52 9.08 12.07
N THR B 291 -36.18 9.63 13.07
CA THR B 291 -36.03 9.17 14.44
C THR B 291 -37.41 8.95 15.04
N LYS B 292 -37.58 7.79 15.68
CA LYS B 292 -38.80 7.42 16.40
C LYS B 292 -38.42 7.35 17.88
N HIS B 293 -38.98 8.25 18.68
CA HIS B 293 -38.63 8.34 20.10
C HIS B 293 -39.44 7.33 20.92
N GLU B 294 -38.98 7.08 22.16
CA GLU B 294 -39.66 6.16 23.12
C GLU B 294 -41.13 6.50 23.34
N ASP B 295 -41.43 7.81 23.38
CA ASP B 295 -42.80 8.32 23.24
C ASP B 295 -43.12 8.42 21.73
N GLY B 296 -43.32 7.25 21.11
CA GLY B 296 -43.48 7.08 19.66
C GLY B 296 -43.75 8.29 18.79
N LYS B 297 -42.83 9.26 18.78
CA LYS B 297 -42.93 10.44 17.92
C LYS B 297 -41.91 10.34 16.78
N ILE B 298 -42.40 10.28 15.55
CA ILE B 298 -41.57 10.13 14.34
C ILE B 298 -41.04 11.49 13.84
N THR B 299 -39.87 11.90 14.34
CA THR B 299 -39.23 13.16 13.87
C THR B 299 -38.31 12.88 12.71
N GLU B 300 -38.02 13.93 11.98
CA GLU B 300 -37.11 13.85 10.87
C GLU B 300 -35.87 14.62 11.23
N GLU B 301 -34.88 14.51 10.36
CA GLU B 301 -33.64 15.26 10.47
C GLU B 301 -32.78 14.92 9.27
N THR B 302 -32.16 15.94 8.70
CA THR B 302 -31.15 15.71 7.69
C THR B 302 -29.80 15.74 8.37
N ILE B 303 -28.90 14.86 7.92
CA ILE B 303 -27.55 14.90 8.40
C ILE B 303 -26.63 15.08 7.20
N PRO B 304 -25.98 16.25 7.11
CA PRO B 304 -25.02 16.46 6.02
C PRO B 304 -23.73 15.68 6.28
N TYR B 305 -23.11 15.21 5.21
CA TYR B 305 -21.95 14.35 5.35
C TYR B 305 -20.86 14.58 4.30
N GLY B 306 -19.62 14.56 4.77
CA GLY B 306 -18.48 14.47 3.88
C GLY B 306 -18.36 13.03 3.43
N THR B 307 -18.14 12.15 4.40
CA THR B 307 -17.84 10.75 4.16
C THR B 307 -18.93 9.89 4.80
N LEU B 308 -19.51 8.97 4.02
CA LEU B 308 -20.56 8.07 4.54
C LEU B 308 -20.09 6.64 4.59
N ILE B 309 -20.06 6.08 5.79
CA ILE B 309 -19.69 4.68 5.96
C ILE B 309 -20.93 3.86 6.35
N TRP B 310 -21.08 2.70 5.73
CA TRP B 310 -22.27 1.86 5.88
C TRP B 310 -21.94 0.50 6.51
N ALA B 311 -21.94 0.46 7.84
CA ALA B 311 -21.49 -0.71 8.60
C ALA B 311 -22.68 -1.44 9.19
N THR B 312 -23.57 -1.88 8.32
CA THR B 312 -24.77 -2.53 8.77
C THR B 312 -25.18 -3.64 7.84
N GLY B 313 -25.56 -4.76 8.45
CA GLY B 313 -26.34 -5.76 7.77
C GLY B 313 -25.55 -6.64 6.84
N ASN B 314 -26.17 -7.75 6.46
N ASN B 314 -26.17 -7.77 6.50
CA ASN B 314 -25.57 -8.71 5.56
CA ASN B 314 -25.59 -8.76 5.62
C ASN B 314 -26.67 -9.50 4.88
C ASN B 314 -26.72 -9.46 4.88
N LYS B 315 -26.66 -9.50 3.55
CA LYS B 315 -27.65 -10.25 2.77
C LYS B 315 -26.95 -11.38 2.03
N ALA B 316 -27.73 -12.23 1.38
CA ALA B 316 -27.18 -13.39 0.70
C ALA B 316 -26.66 -13.00 -0.68
N ARG B 317 -25.74 -13.82 -1.20
CA ARG B 317 -25.14 -13.57 -2.51
C ARG B 317 -25.87 -14.32 -3.63
N PRO B 318 -25.88 -13.75 -4.85
CA PRO B 318 -26.40 -14.42 -6.05
C PRO B 318 -26.16 -15.94 -6.13
N VAL B 319 -24.91 -16.41 -6.12
CA VAL B 319 -24.61 -17.87 -6.05
C VAL B 319 -25.63 -18.62 -5.19
N ILE B 320 -25.89 -18.06 -4.00
CA ILE B 320 -26.64 -18.71 -2.98
C ILE B 320 -28.10 -18.47 -3.28
N THR B 321 -28.53 -17.22 -3.38
CA THR B 321 -29.94 -16.95 -3.74
C THR B 321 -30.34 -17.59 -5.11
N ASP B 322 -29.37 -17.80 -6.00
CA ASP B 322 -29.58 -18.60 -7.20
C ASP B 322 -29.77 -20.07 -6.85
N LEU B 323 -28.98 -20.57 -5.89
CA LEU B 323 -29.05 -21.97 -5.47
C LEU B 323 -30.41 -22.30 -4.85
N PHE B 324 -30.94 -21.37 -4.05
CA PHE B 324 -32.23 -21.56 -3.39
C PHE B 324 -33.30 -22.25 -4.24
N LYS B 325 -33.34 -21.90 -5.53
CA LYS B 325 -34.36 -22.44 -6.45
C LYS B 325 -34.07 -23.90 -6.79
N LYS B 326 -32.80 -24.22 -7.00
CA LYS B 326 -32.38 -25.53 -7.50
C LYS B 326 -32.39 -26.66 -6.45
N ILE B 327 -32.92 -26.35 -5.27
CA ILE B 327 -33.04 -27.30 -4.18
C ILE B 327 -34.41 -27.09 -3.54
N PRO B 328 -35.37 -28.00 -3.80
CA PRO B 328 -36.76 -27.83 -3.35
C PRO B 328 -36.93 -27.41 -1.90
N GLU B 329 -36.09 -27.93 -1.01
CA GLU B 329 -36.16 -27.57 0.41
C GLU B 329 -35.78 -26.10 0.62
N GLN B 330 -34.80 -25.64 -0.15
CA GLN B 330 -34.26 -24.28 0.00
C GLN B 330 -35.08 -23.17 -0.69
N ASN B 331 -36.19 -23.54 -1.34
CA ASN B 331 -37.09 -22.57 -1.97
C ASN B 331 -37.24 -21.33 -1.07
N SER B 332 -37.73 -21.55 0.14
CA SER B 332 -38.01 -20.46 1.07
C SER B 332 -37.08 -20.44 2.30
N SER B 333 -35.78 -20.43 2.04
CA SER B 333 -34.82 -19.88 3.00
C SER B 333 -34.43 -18.50 2.46
N LYS B 334 -34.25 -17.53 3.36
CA LYS B 334 -33.91 -16.16 2.98
C LYS B 334 -32.52 -15.74 3.45
N ARG B 335 -32.25 -15.89 4.75
CA ARG B 335 -30.99 -15.42 5.35
C ARG B 335 -29.77 -16.05 4.71
N GLY B 336 -29.76 -17.38 4.70
CA GLY B 336 -28.68 -18.13 4.07
C GLY B 336 -29.17 -19.46 3.53
N LEU B 337 -28.28 -20.45 3.53
CA LEU B 337 -28.65 -21.84 3.28
C LEU B 337 -28.99 -22.47 4.63
N ALA B 338 -30.24 -22.91 4.79
CA ALA B 338 -30.64 -23.65 5.98
C ALA B 338 -29.81 -24.93 6.01
N VAL B 339 -29.29 -25.24 7.18
CA VAL B 339 -28.42 -26.40 7.36
C VAL B 339 -28.94 -27.32 8.47
N ASN B 340 -28.83 -28.62 8.25
CA ASN B 340 -29.10 -29.61 9.29
C ASN B 340 -27.99 -29.60 10.34
N ASP B 341 -28.10 -30.49 11.34
CA ASP B 341 -27.20 -30.48 12.49
C ASP B 341 -25.75 -30.87 12.14
N PHE B 342 -25.57 -31.49 10.97
CA PHE B 342 -24.26 -31.87 10.46
C PHE B 342 -23.74 -30.91 9.40
N LEU B 343 -24.40 -29.76 9.27
CA LEU B 343 -24.01 -28.70 8.34
C LEU B 343 -23.93 -29.16 6.88
N GLN B 344 -24.94 -29.90 6.44
CA GLN B 344 -25.12 -30.12 5.01
C GLN B 344 -26.33 -29.32 4.63
N VAL B 345 -26.40 -28.95 3.35
CA VAL B 345 -27.56 -28.26 2.85
C VAL B 345 -28.74 -29.22 3.01
N LYS B 346 -29.83 -28.70 3.58
CA LYS B 346 -31.10 -29.41 3.59
C LYS B 346 -31.59 -29.48 2.15
N GLY B 347 -31.60 -30.68 1.59
CA GLY B 347 -32.03 -30.89 0.21
C GLY B 347 -30.96 -31.47 -0.70
N SER B 348 -29.70 -31.41 -0.25
CA SER B 348 -28.57 -31.97 -1.01
C SER B 348 -27.70 -32.89 -0.14
N ASN B 349 -27.14 -33.91 -0.80
CA ASN B 349 -26.22 -34.84 -0.16
C ASN B 349 -24.86 -34.16 0.09
N ASN B 350 -24.02 -34.16 -0.94
CA ASN B 350 -22.64 -33.67 -0.89
C ASN B 350 -22.38 -32.15 -0.86
N ILE B 351 -23.34 -31.35 -0.43
CA ILE B 351 -23.08 -29.91 -0.34
C ILE B 351 -23.24 -29.42 1.10
N PHE B 352 -22.24 -28.67 1.55
CA PHE B 352 -22.17 -28.17 2.90
C PHE B 352 -22.13 -26.64 2.89
N ALA B 353 -22.43 -26.02 4.02
CA ALA B 353 -22.40 -24.57 4.14
C ALA B 353 -21.94 -24.16 5.54
N ILE B 354 -21.02 -23.20 5.61
CA ILE B 354 -20.54 -22.68 6.89
C ILE B 354 -20.41 -21.17 6.89
N GLY B 355 -20.42 -20.58 8.09
CA GLY B 355 -20.39 -19.13 8.26
C GLY B 355 -21.54 -18.38 7.61
N ASP B 356 -21.33 -17.08 7.40
CA ASP B 356 -22.36 -16.11 6.98
C ASP B 356 -23.37 -16.58 5.91
N ASN B 357 -23.00 -17.49 5.01
CA ASN B 357 -23.97 -17.95 3.99
C ASN B 357 -24.78 -19.16 4.43
N ALA B 358 -24.36 -19.81 5.51
CA ALA B 358 -25.14 -20.88 6.12
C ALA B 358 -26.08 -20.28 7.15
N PHE B 359 -27.33 -20.71 7.11
CA PHE B 359 -28.34 -20.28 8.08
C PHE B 359 -28.49 -21.30 9.22
N ALA B 360 -27.56 -21.23 10.16
CA ALA B 360 -27.51 -22.16 11.29
C ALA B 360 -28.42 -21.72 12.43
N GLY B 361 -29.05 -20.55 12.31
CA GLY B 361 -29.76 -19.95 13.43
C GLY B 361 -28.75 -19.52 14.50
N LEU B 362 -27.68 -18.88 14.04
CA LEU B 362 -26.57 -18.51 14.90
C LEU B 362 -26.12 -17.08 14.63
N PRO B 363 -25.28 -16.51 15.51
CA PRO B 363 -24.73 -15.20 15.21
C PRO B 363 -23.93 -15.27 13.88
N PRO B 364 -24.12 -14.26 13.00
CA PRO B 364 -23.29 -14.22 11.79
C PRO B 364 -21.96 -13.56 12.12
N THR B 365 -21.06 -14.35 12.68
CA THR B 365 -19.78 -13.85 13.19
C THR B 365 -18.63 -14.74 12.69
N ALA B 366 -17.41 -14.36 13.05
CA ALA B 366 -16.22 -15.13 12.70
C ALA B 366 -16.13 -16.37 13.58
N GLN B 367 -16.25 -16.12 14.88
CA GLN B 367 -16.25 -17.14 15.91
C GLN B 367 -17.10 -18.36 15.53
N VAL B 368 -18.33 -18.11 15.06
CA VAL B 368 -19.26 -19.16 14.61
C VAL B 368 -18.72 -19.91 13.40
N ALA B 369 -18.30 -19.15 12.39
CA ALA B 369 -17.75 -19.71 11.15
C ALA B 369 -16.45 -20.48 11.40
N HIS B 370 -15.65 -19.94 12.32
CA HIS B 370 -14.39 -20.57 12.78
C HIS B 370 -14.60 -21.93 13.44
N GLN B 371 -15.59 -22.02 14.33
CA GLN B 371 -16.03 -23.29 14.92
C GLN B 371 -16.66 -24.12 13.84
N GLU B 372 -17.77 -23.62 13.28
CA GLU B 372 -18.47 -24.30 12.17
C GLU B 372 -17.51 -25.06 11.24
N ALA B 373 -16.43 -24.40 10.86
CA ALA B 373 -15.45 -24.99 9.96
C ALA B 373 -14.61 -26.08 10.64
N GLU B 374 -14.10 -25.79 11.84
CA GLU B 374 -13.21 -26.69 12.58
C GLU B 374 -13.87 -28.03 12.96
N TYR B 375 -15.14 -27.95 13.35
CA TYR B 375 -15.98 -29.13 13.57
C TYR B 375 -16.14 -29.92 12.28
N LEU B 376 -16.52 -29.25 11.20
CA LEU B 376 -16.75 -29.92 9.93
C LEU B 376 -15.44 -30.55 9.45
N ALA B 377 -14.34 -29.82 9.66
CA ALA B 377 -13.02 -30.33 9.34
C ALA B 377 -12.79 -31.69 9.97
N LYS B 378 -13.00 -31.78 11.28
CA LYS B 378 -12.74 -33.01 12.02
C LYS B 378 -13.71 -34.15 11.65
N ASN B 379 -14.99 -33.82 11.42
CA ASN B 379 -15.96 -34.79 10.88
C ASN B 379 -15.56 -35.37 9.53
N PHE B 380 -14.78 -34.62 8.77
CA PHE B 380 -14.25 -35.14 7.51
C PHE B 380 -13.21 -36.24 7.76
N ASP B 381 -12.47 -36.12 8.86
CA ASP B 381 -11.55 -37.17 9.29
C ASP B 381 -12.32 -38.42 9.72
N LYS B 382 -13.49 -38.21 10.35
CA LYS B 382 -14.39 -39.32 10.74
C LYS B 382 -14.84 -40.16 9.56
N MET B 383 -15.27 -39.51 8.50
CA MET B 383 -15.88 -40.21 7.36
C MET B 383 -14.90 -41.04 6.55
N ALA B 384 -13.62 -40.67 6.58
CA ALA B 384 -12.60 -41.43 5.83
C ALA B 384 -12.46 -42.86 6.38
N GLN B 385 -12.51 -42.98 7.71
CA GLN B 385 -12.56 -44.27 8.42
C GLN B 385 -13.72 -45.16 8.02
N ILE B 386 -14.72 -44.58 7.36
CA ILE B 386 -15.91 -45.30 6.99
C ILE B 386 -15.86 -45.71 5.51
N PRO B 387 -15.51 -46.99 5.25
CA PRO B 387 -15.78 -47.60 3.95
C PRO B 387 -17.15 -47.22 3.36
N ASN B 388 -18.18 -47.23 4.20
CA ASN B 388 -19.53 -46.78 3.80
C ASN B 388 -19.60 -45.41 3.08
N PHE B 389 -18.64 -44.53 3.35
CA PHE B 389 -18.55 -43.19 2.70
C PHE B 389 -17.68 -43.20 1.44
N GLN B 390 -17.20 -44.38 1.03
CA GLN B 390 -16.49 -44.52 -0.24
C GLN B 390 -17.47 -44.81 -1.38
N LYS B 391 -18.71 -45.18 -1.03
CA LYS B 391 -19.89 -44.87 -1.85
C LYS B 391 -21.22 -45.02 -1.10
N ASN B 392 -22.12 -44.07 -1.33
CA ASN B 392 -23.45 -43.99 -0.67
C ASN B 392 -23.54 -44.76 0.65
N ASP B 398 -34.20 -39.44 -1.93
CA ASP B 398 -32.86 -38.85 -1.97
C ASP B 398 -32.51 -38.28 -0.58
N LYS B 399 -32.67 -39.10 0.46
CA LYS B 399 -32.34 -38.68 1.84
C LYS B 399 -30.88 -39.01 2.19
N ILE B 400 -30.32 -38.17 3.08
CA ILE B 400 -28.88 -37.91 3.10
C ILE B 400 -28.19 -38.14 4.46
N ASP B 401 -28.78 -37.58 5.52
CA ASP B 401 -28.22 -37.65 6.88
C ASP B 401 -27.89 -39.07 7.32
N LEU B 402 -28.79 -40.00 6.98
N LEU B 402 -28.81 -39.99 7.00
CA LEU B 402 -28.71 -41.40 7.42
CA LEU B 402 -28.69 -41.44 7.21
C LEU B 402 -27.33 -41.92 7.85
C LEU B 402 -27.36 -41.90 7.80
N LEU B 403 -26.31 -41.81 6.99
CA LEU B 403 -24.98 -42.36 7.33
C LEU B 403 -24.33 -41.73 8.56
N PHE B 404 -24.65 -40.46 8.83
CA PHE B 404 -24.14 -39.78 10.02
C PHE B 404 -24.74 -40.35 11.34
N GLU B 405 -25.94 -40.90 11.29
CA GLU B 405 -26.54 -41.56 12.47
C GLU B 405 -26.07 -42.99 12.65
N GLU B 406 -26.11 -43.77 11.58
CA GLU B 406 -25.61 -45.17 11.57
C GLU B 406 -24.24 -45.34 12.26
N ASN B 407 -23.40 -44.31 12.21
CA ASN B 407 -22.06 -44.35 12.80
C ASN B 407 -21.89 -43.42 14.00
N ASN B 408 -22.99 -42.84 14.44
CA ASN B 408 -23.02 -42.02 15.66
C ASN B 408 -22.12 -40.78 15.57
N PHE B 409 -22.59 -39.78 14.82
CA PHE B 409 -21.90 -38.51 14.64
C PHE B 409 -22.50 -37.47 15.58
N LYS B 410 -21.64 -36.71 16.27
N LYS B 410 -21.64 -36.71 16.27
CA LYS B 410 -22.12 -35.63 17.12
CA LYS B 410 -22.10 -35.59 17.08
C LYS B 410 -22.67 -34.50 16.22
C LYS B 410 -22.70 -34.53 16.16
N PRO B 411 -23.90 -34.04 16.48
CA PRO B 411 -24.42 -32.86 15.78
C PRO B 411 -23.79 -31.59 16.36
N PHE B 412 -23.55 -30.56 15.52
CA PHE B 412 -22.83 -29.36 15.95
C PHE B 412 -23.66 -28.48 16.90
N LYS B 413 -23.07 -28.19 18.06
CA LYS B 413 -23.64 -27.23 19.02
C LYS B 413 -22.55 -26.20 19.32
N TYR B 414 -22.99 -24.95 19.46
CA TYR B 414 -22.13 -23.75 19.45
C TYR B 414 -21.77 -23.30 20.88
N ASN B 415 -20.52 -22.87 21.06
CA ASN B 415 -20.01 -22.41 22.34
C ASN B 415 -19.60 -20.93 22.35
N ASP B 416 -20.58 -20.08 22.10
CA ASP B 416 -20.46 -18.60 22.15
C ASP B 416 -19.45 -18.08 23.20
N LEU B 417 -18.32 -17.55 22.75
CA LEU B 417 -17.18 -17.28 23.64
C LEU B 417 -17.15 -15.84 24.14
N GLY B 418 -18.17 -15.04 23.84
CA GLY B 418 -18.20 -13.65 24.33
C GLY B 418 -17.90 -12.64 23.24
N ALA B 419 -17.70 -11.39 23.63
CA ALA B 419 -17.67 -10.29 22.66
C ALA B 419 -16.75 -9.12 23.03
N LEU B 420 -15.80 -8.81 22.14
CA LEU B 420 -14.94 -7.63 22.25
C LEU B 420 -15.36 -6.51 21.28
N ALA B 421 -15.02 -5.28 21.64
CA ALA B 421 -15.32 -4.08 20.83
C ALA B 421 -14.47 -2.92 21.31
N TYR B 422 -13.90 -2.20 20.37
CA TYR B 422 -13.04 -1.07 20.70
C TYR B 422 -13.81 0.24 20.50
N LEU B 423 -13.65 1.17 21.44
CA LEU B 423 -14.54 2.33 21.57
C LEU B 423 -13.92 3.67 21.14
N GLY B 424 -12.60 3.73 21.04
CA GLY B 424 -11.92 4.95 20.65
C GLY B 424 -11.04 5.49 21.76
N SER B 425 -10.16 6.42 21.36
CA SER B 425 -9.17 7.01 22.23
C SER B 425 -8.75 6.12 23.41
N GLU B 426 -8.25 4.94 23.05
CA GLU B 426 -7.53 4.04 23.97
C GLU B 426 -8.40 3.28 24.98
N ARG B 427 -9.70 3.14 24.71
CA ARG B 427 -10.57 2.41 25.64
C ARG B 427 -11.25 1.27 24.93
N ALA B 428 -11.78 0.32 25.70
CA ALA B 428 -12.50 -0.83 25.14
C ALA B 428 -13.43 -1.49 26.16
N ILE B 429 -14.28 -2.39 25.68
CA ILE B 429 -15.11 -3.24 26.54
C ILE B 429 -15.10 -4.67 26.02
N ALA B 430 -15.32 -5.63 26.89
CA ALA B 430 -15.31 -7.02 26.47
C ALA B 430 -16.13 -7.91 27.40
N THR B 431 -16.45 -9.08 26.88
CA THR B 431 -16.95 -10.19 27.67
C THR B 431 -16.24 -11.42 27.10
N ILE B 432 -15.97 -12.38 27.97
CA ILE B 432 -15.42 -13.66 27.58
C ILE B 432 -16.29 -14.72 28.26
N ARG B 433 -16.46 -15.87 27.63
CA ARG B 433 -17.27 -16.93 28.20
C ARG B 433 -16.82 -18.29 27.71
N SER B 434 -17.18 -19.31 28.47
CA SER B 434 -17.26 -20.66 27.93
C SER B 434 -18.40 -21.35 28.69
N GLY B 435 -19.40 -21.79 27.94
CA GLY B 435 -20.56 -22.45 28.53
C GLY B 435 -21.42 -21.43 29.24
N LYS B 436 -22.03 -21.84 30.36
CA LYS B 436 -22.77 -20.92 31.21
C LYS B 436 -21.79 -20.09 32.04
N ARG B 437 -20.60 -20.65 32.27
CA ARG B 437 -19.49 -19.92 32.87
C ARG B 437 -19.16 -18.68 32.03
N THR B 438 -18.82 -17.59 32.71
CA THR B 438 -18.60 -16.28 32.11
C THR B 438 -17.28 -15.63 32.62
N PHE B 439 -16.17 -16.12 32.09
CA PHE B 439 -14.81 -15.83 32.60
C PHE B 439 -14.53 -14.39 33.06
N TYR B 440 -14.80 -13.39 32.21
CA TYR B 440 -14.37 -12.01 32.48
C TYR B 440 -15.29 -10.96 31.82
N THR B 441 -15.19 -9.71 32.28
CA THR B 441 -15.88 -8.59 31.62
C THR B 441 -15.38 -7.22 32.07
N GLY B 442 -14.74 -6.47 31.16
CA GLY B 442 -14.31 -5.09 31.39
C GLY B 442 -15.35 -4.06 30.93
N GLY B 443 -15.07 -2.76 31.02
CA GLY B 443 -13.80 -2.19 31.52
C GLY B 443 -13.31 -1.01 30.69
N GLY B 444 -12.09 -0.54 30.98
CA GLY B 444 -11.50 0.67 30.34
C GLY B 444 -10.10 0.43 29.75
N LEU B 445 -9.15 1.31 30.08
CA LEU B 445 -7.77 1.24 29.55
C LEU B 445 -7.05 -0.10 29.78
N MET B 446 -7.43 -0.79 30.85
CA MET B 446 -6.97 -2.16 31.06
C MET B 446 -7.48 -3.00 29.90
N THR B 447 -8.80 -3.01 29.73
CA THR B 447 -9.47 -3.80 28.67
C THR B 447 -8.79 -3.65 27.32
N PHE B 448 -8.43 -2.41 26.99
CA PHE B 448 -7.71 -2.07 25.77
C PHE B 448 -6.55 -3.06 25.56
N TYR B 449 -5.69 -3.20 26.56
CA TYR B 449 -4.49 -4.02 26.40
C TYR B 449 -4.77 -5.51 26.27
N LEU B 450 -5.90 -5.99 26.76
CA LEU B 450 -6.33 -7.38 26.49
C LEU B 450 -6.78 -7.50 25.04
N TRP B 451 -7.76 -6.66 24.66
CA TRP B 451 -8.26 -6.54 23.29
C TRP B 451 -7.10 -6.64 22.31
N ARG B 452 -6.09 -5.80 22.51
CA ARG B 452 -4.87 -5.87 21.72
C ARG B 452 -4.24 -7.26 21.83
N ILE B 453 -3.87 -7.63 23.05
CA ILE B 453 -3.26 -8.93 23.31
C ILE B 453 -4.12 -10.09 22.81
N LEU B 454 -5.44 -9.96 22.88
CA LEU B 454 -6.35 -11.04 22.47
C LEU B 454 -6.55 -11.10 20.94
N TYR B 455 -6.87 -9.95 20.33
CA TYR B 455 -6.97 -9.87 18.86
C TYR B 455 -5.69 -10.39 18.20
N LEU B 456 -4.54 -10.01 18.77
CA LEU B 456 -3.24 -10.55 18.33
C LEU B 456 -3.26 -12.06 18.24
N SER B 457 -3.66 -12.71 19.32
CA SER B 457 -3.61 -14.17 19.41
C SER B 457 -4.57 -14.87 18.45
N MET B 458 -5.72 -14.28 18.17
CA MET B 458 -6.71 -14.90 17.29
C MET B 458 -6.39 -14.74 15.81
N ILE B 459 -5.39 -13.91 15.50
CA ILE B 459 -4.91 -13.76 14.14
C ILE B 459 -4.37 -15.13 13.67
N LEU B 460 -4.55 -15.45 12.40
CA LEU B 460 -4.27 -16.79 11.86
C LEU B 460 -2.88 -16.98 11.24
N SER B 461 -1.95 -16.05 11.46
CA SER B 461 -0.62 -16.16 10.87
C SER B 461 0.43 -15.29 11.56
N ALA B 462 1.61 -15.88 11.74
CA ALA B 462 2.69 -15.18 12.42
C ALA B 462 3.18 -13.98 11.63
N ARG B 463 3.09 -14.06 10.30
CA ARG B 463 3.44 -12.93 9.44
C ARG B 463 2.57 -11.76 9.87
N SER B 464 1.27 -11.94 9.67
CA SER B 464 0.28 -10.91 9.99
C SER B 464 0.47 -10.35 11.39
N ARG B 465 0.63 -11.24 12.37
CA ARG B 465 0.70 -10.84 13.78
C ARG B 465 1.91 -9.93 14.06
N LEU B 466 3.07 -10.27 13.50
CA LEU B 466 4.25 -9.46 13.66
C LEU B 466 4.06 -8.08 12.99
N LYS B 467 3.40 -8.06 11.83
CA LYS B 467 3.12 -6.80 11.15
C LYS B 467 2.21 -5.92 11.99
N VAL B 468 1.13 -6.49 12.49
CA VAL B 468 0.26 -5.75 13.40
C VAL B 468 1.04 -5.32 14.63
N PHE B 469 1.83 -6.22 15.19
CA PHE B 469 2.60 -5.88 16.38
C PHE B 469 3.44 -4.67 16.07
N PHE B 470 4.26 -4.79 15.03
CA PHE B 470 5.09 -3.66 14.62
C PHE B 470 4.26 -2.40 14.33
N ASP B 471 3.05 -2.61 13.80
CA ASP B 471 2.14 -1.50 13.49
C ASP B 471 1.76 -0.71 14.74
N TRP B 472 1.52 -1.39 15.86
CA TRP B 472 1.20 -0.68 17.11
C TRP B 472 2.41 -0.01 17.77
N ILE B 473 3.57 -0.67 17.70
CA ILE B 473 4.77 -0.08 18.26
C ILE B 473 5.05 1.20 17.50
N LYS B 474 4.96 1.12 16.18
CA LYS B 474 5.22 2.29 15.32
C LYS B 474 4.23 3.39 15.65
N LEU B 475 3.01 3.00 16.00
CA LEU B 475 1.94 3.92 16.28
C LEU B 475 2.12 4.67 17.60
N ALA B 476 2.95 4.13 18.48
CA ALA B 476 3.28 4.80 19.75
C ALA B 476 4.25 5.96 19.52
N PHE B 477 5.37 5.66 18.89
CA PHE B 477 6.37 6.68 18.63
C PHE B 477 5.89 7.74 17.62
N PHE B 478 5.05 7.35 16.65
CA PHE B 478 4.66 8.25 15.56
C PHE B 478 3.18 8.27 15.23
N LYS B 479 2.82 9.22 14.35
CA LYS B 479 1.47 9.31 13.80
C LYS B 479 1.12 8.10 12.93
N ARG B 480 -0.14 7.99 12.56
CA ARG B 480 -0.57 7.03 11.54
C ARG B 480 -0.14 7.49 10.17
N ASP B 481 -0.05 6.54 9.25
CA ASP B 481 0.21 6.86 7.85
C ASP B 481 -1.11 7.02 7.07
N PHE B 482 -1.45 8.28 6.78
CA PHE B 482 -2.66 8.61 6.04
C PHE B 482 -2.31 9.17 4.64
N PHE B 483 -1.64 8.34 3.84
CA PHE B 483 -1.38 8.63 2.45
C PHE B 483 -2.58 8.25 1.60
N LYS B 484 -3.10 9.15 0.77
CA LYS B 484 -4.28 8.85 -0.04
C LYS B 484 -3.96 7.99 -1.25
N GLY B 485 -2.69 7.96 -1.67
CA GLY B 485 -2.32 7.19 -2.85
C GLY B 485 -1.66 5.86 -2.54
N LEU B 486 -1.88 5.37 -1.33
CA LEU B 486 -1.17 4.20 -0.85
C LEU B 486 -1.96 3.59 0.30
PA FAD C . 14.94 14.70 -6.41
O1A FAD C . 15.55 14.08 -5.18
O2A FAD C . 14.45 13.81 -7.54
O5B FAD C . 13.74 15.66 -5.94
C5B FAD C . 13.13 16.53 -6.89
C4B FAD C . 11.77 16.99 -6.35
O4B FAD C . 11.14 17.90 -7.24
C3B FAD C . 10.78 15.87 -6.17
O3B FAD C . 10.22 16.06 -4.87
C2B FAD C . 9.78 16.04 -7.31
O2B FAD C . 8.49 15.51 -7.03
C1B FAD C . 9.77 17.54 -7.45
N9A FAD C . 9.46 18.16 -8.74
C8A FAD C . 9.74 17.71 -9.96
N7A FAD C . 9.34 18.61 -10.90
C5A FAD C . 8.80 19.65 -10.26
C6A FAD C . 8.17 20.95 -10.63
N6A FAD C . 8.04 21.30 -11.92
N1A FAD C . 7.74 21.77 -9.65
C2A FAD C . 7.86 21.45 -8.35
N3A FAD C . 8.42 20.29 -7.94
C4A FAD C . 8.89 19.37 -8.83
N1 FAD C . 21.98 8.83 -5.63
C2 FAD C . 22.88 8.51 -4.71
O2 FAD C . 23.79 9.32 -4.48
N3 FAD C . 22.84 7.35 -4.01
C4 FAD C . 21.91 6.42 -4.19
O4 FAD C . 21.93 5.36 -3.52
C4X FAD C . 20.87 6.72 -5.20
N5 FAD C . 19.87 5.87 -5.47
C5X FAD C . 18.94 6.16 -6.40
C6 FAD C . 17.94 5.23 -6.61
C7 FAD C . 16.96 5.49 -7.55
C7M FAD C . 15.89 4.46 -7.77
C8 FAD C . 16.98 6.75 -8.33
C8M FAD C . 15.94 7.05 -9.35
C9 FAD C . 17.99 7.69 -8.12
C9A FAD C . 18.97 7.43 -7.18
N10 FAD C . 20.01 8.34 -6.92
C10 FAD C . 20.96 8.00 -5.94
C1' FAD C . 20.12 9.62 -7.61
C2' FAD C . 19.79 10.71 -6.61
O2' FAD C . 18.74 10.28 -5.73
C3' FAD C . 19.39 12.00 -7.31
O3' FAD C . 20.55 12.60 -7.89
C4' FAD C . 18.75 12.93 -6.28
O4' FAD C . 17.41 12.47 -5.99
C5' FAD C . 18.68 14.35 -6.78
O5' FAD C . 17.88 15.05 -5.84
P FAD C . 17.15 16.39 -6.28
O1P FAD C . 16.72 17.08 -5.00
O2P FAD C . 18.06 17.02 -7.32
O3P FAD C . 15.85 15.84 -7.06
MG MG D . 17.38 19.01 -8.18
MG MG E . 14.93 18.23 -4.47
MG MG F . 14.05 12.57 -3.82
MG MG G . 15.89 14.08 -9.37
O1 MES H . 16.22 6.25 -13.97
C2 MES H . 16.31 6.49 -12.56
C3 MES H . 17.77 6.41 -12.05
N4 MES H . 18.75 6.45 -13.16
C5 MES H . 18.36 7.49 -14.11
C6 MES H . 16.99 7.18 -14.72
C7 MES H . 20.12 6.72 -12.66
C8 MES H . 20.47 5.70 -11.58
S MES H . 22.06 5.61 -11.11
O1S MES H . 22.17 6.27 -9.79
O2S MES H . 22.45 4.19 -11.00
O3S MES H . 22.97 6.28 -12.08
O1 MYX I . 27.71 14.89 4.02
C1 MYX I . 27.05 13.90 4.29
N1 MYX I . 26.86 13.54 5.56
C2 MYX I . 26.46 13.15 3.15
C3 MYX I . 25.72 12.03 3.25
O2 MYX I . 25.42 11.43 4.55
C4 MYX I . 26.18 10.33 5.08
C5 MYX I . 25.22 11.42 1.95
C6 MYX I . 24.51 12.54 1.19
C7 MYX I . 24.23 10.24 2.10
O3 MYX I . 22.88 10.72 2.00
C8 MYX I . 21.98 9.98 1.18
C9 MYX I . 24.53 9.09 1.13
C10 MYX I . 24.90 9.25 -0.16
C11 MYX I . 25.19 8.09 -1.05
C12 MYX I . 25.02 6.77 -0.67
N2 MYX I . 25.66 8.32 -2.31
C13 MYX I . 25.89 7.11 -2.88
C14 MYX I . 26.34 7.00 -4.29
C15 MYX I . 27.64 7.08 -4.78
N3 MYX I . 25.36 6.80 -5.19
C16 MYX I . 25.83 6.73 -6.44
C17 MYX I . 25.06 6.51 -7.68
C18 MYX I . 23.85 5.69 -7.22
C19 MYX I . 24.46 7.78 -8.25
C20 MYX I . 24.89 8.48 -9.31
C21 MYX I . 26.09 8.16 -10.10
C22 MYX I . 26.42 8.97 -11.10
C23 MYX I . 27.64 8.71 -11.97
C24 MYX I . 28.90 8.72 -11.10
C25 MYX I . 27.48 7.41 -12.74
S1 MYX I . 25.47 5.71 -1.97
S2 MYX I . 27.58 6.88 -6.52
PA FAD J . -15.97 -14.29 4.86
O1A FAD J . -14.93 -14.31 5.95
O2A FAD J . -16.61 -13.00 4.41
O5B FAD J . -15.35 -15.04 3.60
C5B FAD J . -16.04 -15.13 2.36
C4B FAD J . -14.98 -15.49 1.32
O4B FAD J . -15.54 -15.87 0.07
C3B FAD J . -14.05 -14.33 1.06
O3B FAD J . -12.70 -14.81 1.03
C2B FAD J . -14.48 -13.81 -0.31
O2B FAD J . -13.37 -13.17 -0.94
C1B FAD J . -14.95 -15.10 -0.98
N9A FAD J . -16.01 -15.01 -2.00
C8A FAD J . -16.96 -14.07 -2.11
N7A FAD J . -17.78 -14.35 -3.16
C5A FAD J . -17.36 -15.49 -3.72
C6A FAD J . -17.77 -16.32 -4.86
N6A FAD J . -18.83 -15.98 -5.62
N1A FAD J . -17.06 -17.44 -5.12
C2A FAD J . -15.99 -17.81 -4.38
N3A FAD J . -15.57 -17.09 -3.32
C4A FAD J . -16.19 -15.93 -2.95
N1 FAD J . -16.75 -11.04 13.61
C2 FAD J . -16.30 -11.29 14.86
O2 FAD J . -16.65 -12.36 15.40
N3 FAD J . -15.48 -10.43 15.53
C4 FAD J . -15.07 -9.27 15.01
O4 FAD J . -14.33 -8.52 15.68
C4X FAD J . -15.54 -8.93 13.64
N5 FAD J . -15.17 -7.78 13.02
C5X FAD J . -15.61 -7.52 11.76
C6 FAD J . -15.21 -6.33 11.16
C7 FAD J . -15.64 -6.01 9.88
C7M FAD J . -15.20 -4.74 9.25
C8 FAD J . -16.53 -6.95 9.14
C8M FAD J . -16.98 -6.61 7.75
C9 FAD J . -16.93 -8.14 9.73
C9A FAD J . -16.51 -8.47 11.03
N10 FAD J . -16.91 -9.68 11.66
C10 FAD J . -16.42 -9.91 12.96
C1' FAD J . -17.79 -10.69 11.05
C2' FAD J . -17.02 -11.86 10.50
O2' FAD J . -15.77 -11.44 9.93
C3' FAD J . -17.83 -12.60 9.46
O3' FAD J . -19.04 -13.15 10.03
C4' FAD J . -16.94 -13.68 8.87
O4' FAD J . -16.06 -13.08 7.91
C5' FAD J . -17.71 -14.80 8.19
O5' FAD J . -16.76 -15.70 7.62
P FAD J . -17.17 -16.45 6.27
O1P FAD J . -16.05 -17.42 5.93
O2P FAD J . -18.61 -16.88 6.40
O3P FAD J . -17.20 -15.28 5.15
MG MG K . -19.63 -17.92 4.77
MG MG L . -15.09 -18.11 3.91
MG MG M . -13.02 -13.08 5.81
MG MG N . -18.94 -12.40 4.70
O1 MES O . -20.79 -4.91 6.09
C2 MES O . -19.99 -4.03 6.87
C3 MES O . -20.20 -4.27 8.37
N4 MES O . -21.42 -5.08 8.60
C5 MES O . -21.20 -6.41 8.00
C6 MES O . -20.78 -6.26 6.54
C7 MES O . -21.78 -5.14 10.04
C8 MES O . -20.81 -5.93 10.93
S MES O . -21.05 -5.66 12.56
O1S MES O . -20.40 -6.75 13.32
O2S MES O . -22.50 -5.58 12.88
O3S MES O . -20.47 -4.36 13.02
O1 MYX P . -8.43 -19.22 19.53
C1 MYX P . -9.10 -18.61 20.35
N1 MYX P . -8.71 -18.57 21.62
C2 MYX P . -10.34 -17.90 19.97
C3 MYX P . -10.84 -17.89 18.71
O2 MYX P . -10.19 -18.60 17.61
C4 MYX P . -9.19 -18.01 16.78
C5 MYX P . -12.11 -17.15 18.45
C6 MYX P . -13.15 -18.13 17.92
C7 MYX P . -11.87 -15.98 17.47
O3 MYX P . -12.39 -16.21 16.16
C8 MYX P . -12.07 -15.17 15.22
C9 MYX P . -12.46 -14.71 18.00
C10 MYX P . -13.74 -14.38 17.84
C11 MYX P . -14.26 -13.09 18.35
C12 MYX P . -13.46 -12.20 19.05
N2 MYX P . -15.53 -12.72 18.08
C13 MYX P . -15.71 -11.50 18.65
C14 MYX P . -17.02 -10.79 18.51
C15 MYX P . -17.15 -9.46 18.88
N3 MYX P . -18.08 -11.41 17.95
C16 MYX P . -19.15 -10.54 17.90
C17 MYX P . -20.52 -10.80 17.39
C18 MYX P . -21.52 -11.01 18.53
C19 MYX P . -21.01 -9.71 16.43
C20 MYX P . -21.73 -10.07 15.38
C21 MYX P . -22.22 -9.11 14.40
C22 MYX P . -22.92 -9.58 13.36
C23 MYX P . -23.47 -8.65 12.29
C24 MYX P . -23.00 -9.12 10.91
C25 MYX P . -24.99 -8.60 12.37
S1 MYX P . -14.35 -10.78 19.45
S2 MYX P . -18.78 -8.96 18.54
#